data_3QBV
#
_entry.id   3QBV
#
_cell.length_a   85.460
_cell.length_b   80.062
_cell.length_c   94.591
_cell.angle_alpha   90.00
_cell.angle_beta   108.23
_cell.angle_gamma   90.00
#
_symmetry.space_group_name_H-M   'P 1 21 1'
#
loop_
_entity.id
_entity.type
_entity.pdbx_description
1 polymer 'Cell division control protein 42 homolog'
2 polymer Intersectin-1
3 non-polymer "GUANOSINE-5'-DIPHOSPHATE"
4 water water
#
loop_
_entity_poly.entity_id
_entity_poly.type
_entity_poly.pdbx_seq_one_letter_code
_entity_poly.pdbx_strand_id
1 'polypeptide(L)'
;MQTIKCVVVGDGAVGKTCLLISYTTNKFPSEYVPTVFDNYAVTVMIGGEPYTLGLRDTAGQEDYDRLRPLSYPQTDVFLV
CFSVVSPSSFENVKEKWVPEITHHCPKTPFLLVGTQIDLRDDPSTIEKLAKNKQKPITPETAEKLARDLKAVKYVECSAL
TQKGLKNVFDEAILAALE
;
A,C
2 'polypeptide(L)'
;DMLTPTERKRQGYIHELIVTEENYVNDLQLVTEIFQKPLMESELLTEKEVAMIFVNWKELIMCNIKLLKALRVRKKMSGE
KMPVKMIGDILSAQLPHMQPYIRFCSRQLNGAALIQQKTDEAPDFKEFVKRLAMDPRCKGMPLSEFILKPMQRVTRYPLI
IKNILENTPENHPDHSHLKHALEKAEELCSQVNEGVREKENSDRLEWIQAHVQCEGLSEQLVFNSVTNCLGPRKFLHSGK
LYKAKSNKELYGFLFNDFLLLTQITKPLGSSGTDKVFSPKSNLQYKMYKTPIFLNEVLVKLPTDPSGDEPIFHISHIDRV
YTLRAESINERTAWVQKIKAASELYIETEKK
;
B,D
#
# COMPACT_ATOMS: atom_id res chain seq x y z
N MET A 1 14.16 -25.54 -25.63
CA MET A 1 14.57 -26.64 -24.75
C MET A 1 13.90 -26.55 -23.39
N GLN A 2 14.13 -27.56 -22.56
CA GLN A 2 13.61 -27.55 -21.20
C GLN A 2 14.53 -26.72 -20.29
N THR A 3 13.94 -25.80 -19.54
CA THR A 3 14.71 -24.96 -18.62
C THR A 3 14.59 -25.47 -17.18
N ILE A 4 15.46 -26.41 -16.82
CA ILE A 4 15.44 -26.99 -15.47
C ILE A 4 15.86 -25.97 -14.41
N LYS A 5 15.00 -25.79 -13.41
CA LYS A 5 15.26 -24.82 -12.36
C LYS A 5 15.77 -25.51 -11.10
N CYS A 6 17.03 -25.27 -10.79
CA CYS A 6 17.74 -25.96 -9.72
C CYS A 6 18.16 -25.03 -8.58
N VAL A 7 17.78 -25.42 -7.37
CA VAL A 7 17.94 -24.58 -6.18
C VAL A 7 18.85 -25.23 -5.14
N VAL A 8 19.84 -24.48 -4.66
CA VAL A 8 20.84 -25.05 -3.76
C VAL A 8 20.66 -24.61 -2.31
N VAL A 9 20.19 -25.53 -1.47
CA VAL A 9 19.93 -25.23 -0.08
C VAL A 9 20.86 -26.02 0.84
N GLY A 10 20.87 -25.65 2.11
CA GLY A 10 21.76 -26.26 3.08
C GLY A 10 22.39 -25.19 3.94
N ASP A 11 23.01 -25.62 5.04
CA ASP A 11 23.65 -24.71 6.00
C ASP A 11 24.62 -23.75 5.32
N GLY A 12 24.88 -22.63 5.99
CA GLY A 12 25.90 -21.71 5.55
C GLY A 12 27.27 -22.31 5.80
N ALA A 13 28.25 -21.85 5.03
CA ALA A 13 29.64 -22.28 5.16
C ALA A 13 29.92 -23.70 4.69
N VAL A 14 28.97 -24.32 3.99
CA VAL A 14 29.25 -25.64 3.46
C VAL A 14 29.71 -25.59 2.01
N GLY A 15 29.74 -24.41 1.41
CA GLY A 15 30.30 -24.30 0.07
C GLY A 15 29.32 -24.23 -1.07
N LYS A 16 28.06 -23.88 -0.76
CA LYS A 16 27.02 -23.78 -1.77
C LYS A 16 27.35 -22.76 -2.86
N THR A 17 27.68 -21.54 -2.45
CA THR A 17 28.04 -20.47 -3.39
C THR A 17 29.27 -20.87 -4.20
N CYS A 18 30.27 -21.38 -3.50
CA CYS A 18 31.51 -21.85 -4.13
C CYS A 18 31.24 -22.93 -5.18
N LEU A 19 30.28 -23.79 -4.90
CA LEU A 19 29.94 -24.89 -5.81
C LEU A 19 29.42 -24.32 -7.13
N LEU A 20 28.57 -23.31 -7.04
CA LEU A 20 27.96 -22.72 -8.23
C LEU A 20 28.98 -21.92 -9.04
N ILE A 21 29.78 -21.12 -8.35
CA ILE A 21 30.77 -20.29 -9.02
C ILE A 21 31.78 -21.16 -9.74
N SER A 22 32.31 -22.14 -9.02
CA SER A 22 33.31 -23.05 -9.56
C SER A 22 32.80 -23.86 -10.75
N TYR A 23 31.49 -23.97 -10.89
CA TYR A 23 30.93 -24.77 -11.97
C TYR A 23 30.48 -23.93 -13.16
N THR A 24 30.17 -22.66 -12.93
CA THR A 24 29.81 -21.77 -14.04
C THR A 24 30.97 -20.90 -14.51
N THR A 25 32.17 -21.13 -13.98
CA THR A 25 33.36 -20.44 -14.45
C THR A 25 34.48 -21.43 -14.78
N ASN A 26 34.20 -22.72 -14.55
CA ASN A 26 35.19 -23.80 -14.71
C ASN A 26 36.41 -23.70 -13.79
N LYS A 27 36.53 -22.58 -13.08
CA LYS A 27 37.66 -22.32 -12.20
C LYS A 27 37.20 -22.08 -10.76
N PHE A 28 37.71 -22.92 -9.85
CA PHE A 28 37.46 -22.77 -8.43
C PHE A 28 37.96 -21.40 -7.98
N PRO A 29 37.23 -20.77 -7.04
CA PRO A 29 37.62 -19.45 -6.52
C PRO A 29 39.04 -19.44 -5.94
N GLU A 31 41.54 -17.04 -4.85
CA GLU A 31 42.11 -16.21 -3.80
C GLU A 31 41.04 -15.74 -2.83
N TYR A 32 39.84 -15.48 -3.35
CA TYR A 32 38.72 -15.04 -2.54
C TYR A 32 37.42 -15.67 -3.04
N VAL A 33 36.59 -16.13 -2.10
CA VAL A 33 35.28 -16.64 -2.44
C VAL A 33 34.29 -15.49 -2.48
N PRO A 34 33.72 -15.21 -3.67
CA PRO A 34 32.68 -14.17 -3.78
C PRO A 34 31.51 -14.53 -2.89
N THR A 35 31.03 -13.57 -2.13
CA THR A 35 29.84 -13.78 -1.31
C THR A 35 28.61 -13.94 -2.21
N VAL A 36 28.77 -13.60 -3.48
CA VAL A 36 27.64 -13.44 -4.39
C VAL A 36 27.76 -14.24 -5.69
N PHE A 37 26.93 -15.26 -5.82
CA PHE A 37 26.77 -15.94 -7.09
C PHE A 37 25.69 -15.23 -7.93
N ASP A 38 26.06 -14.78 -9.12
CA ASP A 38 25.13 -14.08 -10.01
C ASP A 38 25.21 -14.61 -11.43
N ASN A 39 24.64 -15.79 -11.66
CA ASN A 39 24.65 -16.34 -13.01
C ASN A 39 23.58 -17.40 -13.22
N TYR A 40 22.33 -16.93 -13.21
CA TYR A 40 21.14 -17.78 -13.28
C TYR A 40 21.14 -18.86 -14.38
N ALA A 41 21.29 -18.46 -15.65
CA ALA A 41 21.14 -19.42 -16.75
C ALA A 41 22.44 -19.90 -17.40
N VAL A 42 22.57 -21.21 -17.55
CA VAL A 42 23.66 -21.82 -18.31
C VAL A 42 23.13 -22.95 -19.21
N THR A 43 23.63 -23.02 -20.44
CA THR A 43 23.26 -24.10 -21.34
C THR A 43 24.21 -25.29 -21.12
N VAL A 44 23.65 -26.48 -20.97
CA VAL A 44 24.47 -27.64 -20.63
C VAL A 44 24.19 -28.85 -21.53
N MET A 45 25.26 -29.47 -22.02
CA MET A 45 25.15 -30.63 -22.89
C MET A 45 25.18 -31.95 -22.09
N ILE A 46 24.17 -32.79 -22.30
CA ILE A 46 24.14 -34.11 -21.65
C ILE A 46 23.84 -35.22 -22.65
N GLY A 47 24.89 -35.92 -23.07
CA GLY A 47 24.76 -37.05 -23.97
C GLY A 47 24.03 -36.75 -25.26
N GLY A 48 24.44 -35.68 -25.96
CA GLY A 48 23.86 -35.34 -27.24
C GLY A 48 22.72 -34.34 -27.18
N GLU A 49 22.24 -34.07 -25.97
CA GLU A 49 21.15 -33.11 -25.79
C GLU A 49 21.57 -31.87 -25.02
N PRO A 50 21.27 -30.68 -25.57
CA PRO A 50 21.41 -29.42 -24.84
C PRO A 50 20.27 -29.22 -23.85
N TYR A 51 20.54 -28.52 -22.74
CA TYR A 51 19.55 -28.28 -21.70
C TYR A 51 19.86 -26.92 -21.07
N THR A 52 18.82 -26.19 -20.68
CA THR A 52 19.04 -24.95 -19.93
C THR A 52 18.81 -25.14 -18.44
N LEU A 53 19.83 -24.81 -17.63
CA LEU A 53 19.76 -24.88 -16.19
C LEU A 53 19.50 -23.48 -15.65
N GLY A 54 18.56 -23.35 -14.73
CA GLY A 54 18.43 -22.12 -13.98
C GLY A 54 18.90 -22.32 -12.54
N LEU A 55 20.05 -21.75 -12.20
CA LEU A 55 20.66 -21.93 -10.88
C LEU A 55 20.31 -20.82 -9.89
N ARG A 56 19.91 -21.20 -8.69
CA ARG A 56 19.46 -20.25 -7.70
C ARG A 56 20.21 -20.50 -6.40
N ASP A 57 20.97 -19.51 -5.95
CA ASP A 57 21.64 -19.60 -4.65
C ASP A 57 20.68 -19.18 -3.54
N THR A 58 20.95 -19.63 -2.32
CA THR A 58 20.13 -19.20 -1.19
C THR A 58 20.97 -18.64 -0.06
N ALA A 59 22.23 -18.32 -0.34
CA ALA A 59 23.14 -17.88 0.71
C ALA A 59 22.64 -16.59 1.36
N GLY A 60 22.77 -16.51 2.67
CA GLY A 60 22.34 -15.34 3.41
C GLY A 60 20.92 -15.49 3.94
N GLN A 61 20.20 -16.45 3.39
CA GLN A 61 18.80 -16.71 3.76
C GLN A 61 18.67 -17.70 4.92
N GLU A 62 19.77 -18.35 5.29
CA GLU A 62 19.71 -19.54 6.13
C GLU A 62 18.99 -19.34 7.45
N ASP A 63 19.23 -18.21 8.11
CA ASP A 63 18.68 -17.96 9.44
C ASP A 63 17.43 -17.10 9.42
N TYR A 64 16.66 -17.17 8.33
CA TYR A 64 15.45 -16.37 8.19
C TYR A 64 14.27 -17.19 7.69
N ASP A 65 13.49 -17.70 8.63
CA ASP A 65 12.56 -18.80 8.39
C ASP A 65 11.44 -18.46 7.44
N ARG A 66 11.09 -17.18 7.33
CA ARG A 66 10.03 -16.79 6.41
C ARG A 66 10.59 -16.34 5.06
N LEU A 67 11.90 -16.05 5.04
CA LEU A 67 12.56 -15.63 3.81
C LEU A 67 13.02 -16.83 2.96
N ARG A 68 13.60 -17.84 3.60
CA ARG A 68 14.01 -19.07 2.90
C ARG A 68 12.92 -19.60 1.95
N PRO A 69 11.68 -19.75 2.44
CA PRO A 69 10.76 -20.45 1.53
C PRO A 69 10.31 -19.64 0.32
N LEU A 70 10.57 -18.33 0.31
CA LEU A 70 10.24 -17.54 -0.88
C LEU A 70 11.06 -18.02 -2.09
N SER A 71 12.15 -18.75 -1.81
CA SER A 71 13.04 -19.29 -2.85
C SER A 71 12.64 -20.69 -3.34
N TYR A 72 11.66 -21.32 -2.69
CA TYR A 72 11.27 -22.70 -3.04
C TYR A 72 10.31 -22.89 -4.24
N PRO A 73 9.29 -22.00 -4.42
CA PRO A 73 8.40 -22.21 -5.57
C PRO A 73 9.12 -22.05 -6.88
N GLN A 74 8.55 -22.61 -7.95
CA GLN A 74 9.20 -22.67 -9.26
C GLN A 74 10.57 -23.36 -9.18
N THR A 75 10.54 -24.65 -8.84
CA THR A 75 11.76 -25.43 -8.67
C THR A 75 11.58 -26.85 -9.20
N ASP A 76 12.47 -27.27 -10.10
CA ASP A 76 12.39 -28.59 -10.69
C ASP A 76 13.26 -29.62 -9.96
N VAL A 77 14.30 -29.14 -9.29
CA VAL A 77 15.20 -30.02 -8.53
C VAL A 77 15.90 -29.22 -7.43
N PHE A 78 15.99 -29.82 -6.24
CA PHE A 78 16.73 -29.25 -5.13
C PHE A 78 18.04 -29.98 -4.97
N LEU A 79 19.10 -29.24 -4.65
CA LEU A 79 20.34 -29.83 -4.17
C LEU A 79 20.48 -29.50 -2.69
N VAL A 80 20.32 -30.49 -1.82
CA VAL A 80 20.50 -30.26 -0.40
C VAL A 80 21.95 -30.53 -0.08
N CYS A 81 22.69 -29.48 0.28
CA CYS A 81 24.13 -29.60 0.50
C CYS A 81 24.54 -29.68 1.97
N PHE A 82 25.58 -30.46 2.23
CA PHE A 82 26.24 -30.46 3.53
C PHE A 82 27.72 -30.68 3.28
N SER A 83 28.55 -30.18 4.19
CA SER A 83 29.99 -30.44 4.11
C SER A 83 30.32 -31.76 4.77
N VAL A 84 30.88 -32.69 3.99
CA VAL A 84 31.26 -34.01 4.50
C VAL A 84 32.24 -33.90 5.66
N VAL A 85 32.76 -32.70 5.87
CA VAL A 85 33.74 -32.42 6.91
C VAL A 85 33.09 -31.61 8.05
N SER A 86 31.77 -31.47 7.96
CA SER A 86 30.99 -30.80 9.01
C SER A 86 29.76 -31.59 9.44
N PRO A 87 29.86 -32.31 10.56
CA PRO A 87 28.74 -33.13 11.06
C PRO A 87 27.47 -32.32 11.40
N SER A 88 27.62 -31.10 11.89
CA SER A 88 26.43 -30.31 12.21
C SER A 88 25.65 -30.01 10.93
N SER A 89 26.38 -29.75 9.85
CA SER A 89 25.74 -29.47 8.57
C SER A 89 25.00 -30.71 8.08
N PHE A 90 25.55 -31.86 8.39
CA PHE A 90 24.95 -33.14 7.98
C PHE A 90 23.67 -33.43 8.76
N GLU A 91 23.69 -33.14 10.05
CA GLU A 91 22.51 -33.38 10.89
C GLU A 91 21.36 -32.49 10.45
N ASN A 92 21.69 -31.27 10.03
CA ASN A 92 20.69 -30.30 9.58
C ASN A 92 19.96 -30.73 8.33
N VAL A 93 20.59 -31.59 7.52
CA VAL A 93 19.92 -32.14 6.36
C VAL A 93 18.64 -32.82 6.79
N LYS A 94 18.69 -33.54 7.91
CA LYS A 94 17.52 -34.29 8.35
C LYS A 94 16.67 -33.54 9.37
N GLU A 95 17.26 -32.61 10.11
CA GLU A 95 16.52 -31.89 11.13
C GLU A 95 15.88 -30.61 10.60
N LYS A 96 16.36 -30.11 9.46
CA LYS A 96 15.92 -28.81 8.98
C LYS A 96 15.59 -28.75 7.48
N TRP A 97 16.51 -29.19 6.64
CA TRP A 97 16.42 -28.92 5.20
C TRP A 97 15.46 -29.80 4.43
N VAL A 98 15.59 -31.11 4.61
CA VAL A 98 14.65 -32.03 3.99
C VAL A 98 13.19 -31.86 4.45
N PRO A 99 12.95 -31.70 5.77
CA PRO A 99 11.56 -31.44 6.17
C PRO A 99 10.98 -30.18 5.55
N GLU A 100 11.82 -29.16 5.38
CA GLU A 100 11.36 -27.87 4.87
C GLU A 100 10.99 -27.89 3.38
N ILE A 101 11.84 -28.50 2.54
CA ILE A 101 11.55 -28.57 1.11
C ILE A 101 10.48 -29.62 0.81
N THR A 102 10.32 -30.59 1.71
CA THR A 102 9.29 -31.61 1.57
C THR A 102 7.91 -31.05 1.93
N HIS A 103 7.90 -30.11 2.87
CA HIS A 103 6.67 -29.40 3.22
C HIS A 103 6.17 -28.49 2.08
N HIS A 104 7.04 -27.60 1.60
CA HIS A 104 6.67 -26.61 0.60
C HIS A 104 6.56 -27.18 -0.80
N CYS A 105 7.44 -28.14 -1.12
CA CYS A 105 7.47 -28.70 -2.46
C CYS A 105 7.49 -30.24 -2.43
N PRO A 106 6.39 -30.83 -1.96
CA PRO A 106 6.35 -32.28 -1.69
C PRO A 106 6.62 -33.16 -2.93
N LYS A 107 6.28 -32.67 -4.11
CA LYS A 107 6.44 -33.47 -5.33
C LYS A 107 7.75 -33.19 -6.07
N THR A 108 8.62 -32.39 -5.47
CA THR A 108 9.88 -32.02 -6.11
C THR A 108 11.01 -33.00 -5.76
N PRO A 109 11.69 -33.52 -6.78
CA PRO A 109 12.82 -34.42 -6.53
C PRO A 109 13.98 -33.65 -5.92
N PHE A 110 14.86 -34.34 -5.20
CA PHE A 110 16.02 -33.68 -4.62
C PHE A 110 17.20 -34.64 -4.45
N LEU A 111 18.41 -34.14 -4.70
CA LEU A 111 19.63 -34.90 -4.44
C LEU A 111 20.23 -34.47 -3.11
N LEU A 112 20.84 -35.42 -2.41
CA LEU A 112 21.71 -35.12 -1.28
C LEU A 112 23.10 -34.90 -1.86
N VAL A 113 23.70 -33.74 -1.60
CA VAL A 113 25.00 -33.41 -2.17
C VAL A 113 26.05 -33.17 -1.10
N GLY A 114 26.91 -34.16 -0.90
CA GLY A 114 28.01 -34.06 0.05
C GLY A 114 29.08 -33.20 -0.57
N THR A 115 29.79 -32.43 0.24
CA THR A 115 30.55 -31.34 -0.32
C THR A 115 31.93 -31.23 0.34
N GLN A 116 32.85 -30.51 -0.29
CA GLN A 116 34.20 -30.25 0.24
C GLN A 116 35.02 -31.53 0.48
N ILE A 117 34.86 -32.51 -0.42
CA ILE A 117 35.61 -33.77 -0.38
C ILE A 117 37.10 -33.59 -0.10
N ASP A 118 37.71 -32.64 -0.80
CA ASP A 118 39.14 -32.41 -0.74
C ASP A 118 39.66 -32.16 0.68
N LEU A 119 38.76 -32.08 1.65
CA LEU A 119 39.14 -31.88 3.05
C LEU A 119 38.92 -33.13 3.89
N ARG A 120 38.32 -34.15 3.30
CA ARG A 120 38.10 -35.40 4.01
C ARG A 120 39.43 -36.05 4.41
N ASP A 121 40.50 -35.67 3.72
CA ASP A 121 41.80 -36.29 3.90
C ASP A 121 42.87 -35.29 4.33
N ASP A 122 42.50 -34.03 4.47
CA ASP A 122 43.39 -33.01 5.02
C ASP A 122 43.67 -33.30 6.49
N PRO A 123 44.93 -33.58 6.83
CA PRO A 123 45.30 -34.00 8.20
C PRO A 123 44.75 -33.06 9.29
N SER A 124 44.97 -31.75 9.14
CA SER A 124 44.55 -30.81 10.16
C SER A 124 43.04 -30.81 10.31
N THR A 125 42.33 -31.11 9.22
CA THR A 125 40.88 -31.18 9.24
C THR A 125 40.38 -32.41 9.99
N ILE A 126 41.02 -33.56 9.77
CA ILE A 126 40.69 -34.76 10.53
C ILE A 126 41.07 -34.57 12.02
N GLU A 127 42.03 -33.69 12.27
CA GLU A 127 42.47 -33.40 13.63
C GLU A 127 41.48 -32.53 14.42
N LYS A 128 40.97 -31.47 13.80
CA LYS A 128 40.01 -30.59 14.47
C LYS A 128 38.75 -31.36 14.83
N LEU A 129 38.34 -32.25 13.93
CA LEU A 129 37.19 -33.09 14.18
C LEU A 129 37.47 -34.08 15.31
N ALA A 130 38.65 -34.67 15.30
CA ALA A 130 39.06 -35.62 16.34
C ALA A 130 39.11 -34.98 17.73
N LYS A 131 39.64 -33.76 17.78
CA LYS A 131 39.71 -33.01 19.04
C LYS A 131 38.32 -32.73 19.59
N ASN A 132 37.32 -32.79 18.72
CA ASN A 132 35.95 -32.53 19.12
C ASN A 132 35.12 -33.81 19.08
N LYS A 133 35.80 -34.95 19.07
CA LYS A 133 35.15 -36.26 19.11
C LYS A 133 34.18 -36.51 17.95
N GLN A 134 34.53 -36.01 16.77
CA GLN A 134 33.73 -36.27 15.58
C GLN A 134 34.65 -36.67 14.43
N LYS A 135 34.07 -37.23 13.37
CA LYS A 135 34.82 -37.66 12.20
C LYS A 135 34.10 -37.24 10.92
N PRO A 136 34.84 -37.08 9.82
CA PRO A 136 34.19 -36.73 8.55
C PRO A 136 33.17 -37.80 8.14
N ILE A 137 32.19 -37.40 7.35
CA ILE A 137 31.08 -38.26 6.97
C ILE A 137 31.46 -39.26 5.88
N THR A 138 31.25 -40.54 6.16
CA THR A 138 31.48 -41.60 5.18
C THR A 138 30.43 -41.50 4.08
N PRO A 139 30.86 -41.67 2.83
CA PRO A 139 29.94 -41.80 1.69
C PRO A 139 28.88 -42.87 1.95
N GLU A 140 29.24 -43.89 2.71
CA GLU A 140 28.29 -44.94 3.08
C GLU A 140 27.22 -44.38 3.99
N THR A 141 27.65 -43.58 4.98
CA THR A 141 26.72 -42.92 5.90
C THR A 141 25.75 -42.05 5.10
N ALA A 142 26.30 -41.33 4.13
CA ALA A 142 25.52 -40.40 3.31
C ALA A 142 24.50 -41.11 2.42
N GLU A 143 24.88 -42.24 1.84
CA GLU A 143 23.98 -42.98 0.96
C GLU A 143 22.77 -43.51 1.73
N LYS A 144 22.96 -43.76 3.02
CA LYS A 144 21.90 -44.29 3.86
C LYS A 144 20.88 -43.20 4.19
N LEU A 145 21.38 -42.04 4.60
CA LEU A 145 20.51 -40.90 4.87
C LEU A 145 19.74 -40.55 3.60
N ALA A 146 20.40 -40.71 2.45
CA ALA A 146 19.77 -40.47 1.16
C ALA A 146 18.59 -41.41 0.93
N ARG A 147 18.77 -42.69 1.26
CA ARG A 147 17.70 -43.66 1.13
C ARG A 147 16.57 -43.41 2.14
N ASP A 148 16.97 -43.08 3.37
CA ASP A 148 16.02 -42.83 4.45
C ASP A 148 15.15 -41.59 4.20
N LEU A 149 15.74 -40.56 3.61
CA LEU A 149 15.04 -39.29 3.44
C LEU A 149 14.34 -39.18 2.08
N LYS A 150 14.37 -40.27 1.33
CA LYS A 150 13.71 -40.38 0.02
C LYS A 150 14.40 -39.56 -1.09
N ALA A 151 15.66 -39.20 -0.86
CA ALA A 151 16.46 -38.49 -1.85
C ALA A 151 16.59 -39.33 -3.11
N VAL A 152 16.66 -38.66 -4.25
CA VAL A 152 16.84 -39.34 -5.53
C VAL A 152 18.14 -40.14 -5.51
N LYS A 153 19.21 -39.52 -5.02
CA LYS A 153 20.50 -40.18 -4.85
C LYS A 153 21.50 -39.27 -4.14
N TYR A 154 22.60 -39.85 -3.69
CA TYR A 154 23.66 -39.06 -3.09
C TYR A 154 24.80 -38.81 -4.08
N VAL A 155 25.42 -37.64 -4.01
CA VAL A 155 26.57 -37.30 -4.85
C VAL A 155 27.57 -36.44 -4.07
N GLU A 156 28.84 -36.48 -4.46
CA GLU A 156 29.87 -35.70 -3.77
C GLU A 156 30.69 -34.92 -4.77
N CYS A 157 31.33 -33.86 -4.29
CA CYS A 157 32.17 -33.05 -5.15
C CYS A 157 33.12 -32.19 -4.35
N SER A 158 34.09 -31.59 -5.05
CA SER A 158 34.90 -30.53 -4.49
C SER A 158 34.90 -29.35 -5.45
N ALA A 159 34.29 -28.25 -5.03
CA ALA A 159 34.34 -27.02 -5.79
C ALA A 159 35.80 -26.68 -6.15
N LEU A 160 36.72 -26.93 -5.23
CA LEU A 160 38.12 -26.57 -5.40
C LEU A 160 38.87 -27.49 -6.37
N THR A 161 38.52 -28.77 -6.36
CA THR A 161 39.21 -29.74 -7.21
C THR A 161 38.41 -30.02 -8.49
N GLN A 162 37.09 -29.81 -8.39
CA GLN A 162 36.13 -30.04 -9.49
C GLN A 162 35.81 -31.52 -9.69
N LYS A 163 36.44 -32.36 -8.89
CA LYS A 163 36.10 -33.78 -8.86
C LYS A 163 34.64 -33.90 -8.48
N GLY A 164 33.86 -34.54 -9.36
CA GLY A 164 32.47 -34.83 -9.08
C GLY A 164 31.55 -33.68 -9.41
N LEU A 165 32.13 -32.51 -9.64
CA LEU A 165 31.37 -31.28 -9.82
C LEU A 165 30.45 -31.36 -11.03
N LYS A 166 31.04 -31.63 -12.19
CA LYS A 166 30.26 -31.81 -13.41
C LYS A 166 29.24 -32.93 -13.27
N ASN A 167 29.48 -33.87 -12.36
CA ASN A 167 28.51 -34.96 -12.17
C ASN A 167 27.30 -34.57 -11.35
N VAL A 168 27.48 -33.63 -10.43
CA VAL A 168 26.38 -33.17 -9.58
C VAL A 168 25.21 -32.62 -10.42
N PHE A 169 25.54 -31.76 -11.39
CA PHE A 169 24.51 -31.07 -12.16
C PHE A 169 23.86 -31.89 -13.27
N ASP A 170 24.60 -32.86 -13.81
CA ASP A 170 24.04 -33.82 -14.78
C ASP A 170 22.98 -34.65 -14.06
N GLU A 171 23.31 -35.11 -12.86
CA GLU A 171 22.37 -35.86 -12.04
C GLU A 171 21.18 -35.01 -11.59
N ALA A 172 21.42 -33.71 -11.40
CA ALA A 172 20.33 -32.79 -11.09
C ALA A 172 19.36 -32.72 -12.26
N ILE A 173 19.91 -32.54 -13.46
CA ILE A 173 19.12 -32.45 -14.67
C ILE A 173 18.32 -33.74 -14.90
N LEU A 174 18.98 -34.88 -14.78
CA LEU A 174 18.31 -36.15 -14.99
C LEU A 174 17.20 -36.41 -13.97
N ALA A 175 17.36 -35.87 -12.77
CA ALA A 175 16.35 -36.03 -11.73
C ALA A 175 15.13 -35.17 -12.02
N ALA A 176 15.31 -34.10 -12.78
CA ALA A 176 14.23 -33.18 -13.07
C ALA A 176 13.36 -33.67 -14.22
N LEU A 177 13.93 -34.49 -15.09
CA LEU A 177 13.20 -34.99 -16.25
C LEU A 177 12.33 -36.20 -15.91
N GLU A 178 12.87 -37.10 -15.08
CA GLU A 178 12.15 -38.28 -14.64
C GLU A 178 11.22 -37.93 -13.46
N ASP B 1 51.26 -0.35 -4.29
CA ASP B 1 50.12 -1.24 -4.08
C ASP B 1 50.54 -2.49 -3.28
N MET B 2 51.25 -2.27 -2.18
CA MET B 2 51.74 -3.35 -1.33
C MET B 2 50.67 -3.86 -0.37
N LEU B 3 49.93 -4.88 -0.80
CA LEU B 3 48.85 -5.42 0.01
C LEU B 3 49.16 -6.84 0.45
N THR B 4 48.86 -7.11 1.71
CA THR B 4 48.90 -8.45 2.24
C THR B 4 47.65 -9.16 1.73
N PRO B 5 47.64 -10.50 1.75
CA PRO B 5 46.43 -11.23 1.34
C PRO B 5 45.16 -10.76 2.09
N THR B 6 45.33 -10.15 3.26
CA THR B 6 44.20 -9.64 4.02
C THR B 6 43.72 -8.29 3.50
N GLU B 7 44.63 -7.32 3.42
CA GLU B 7 44.28 -6.01 2.90
C GLU B 7 43.70 -6.15 1.50
N ARG B 8 44.20 -7.14 0.77
CA ARG B 8 43.76 -7.39 -0.59
C ARG B 8 42.38 -8.04 -0.61
N LYS B 9 42.13 -8.98 0.28
CA LYS B 9 40.79 -9.54 0.42
C LYS B 9 39.79 -8.44 0.74
N ARG B 10 40.23 -7.45 1.52
CA ARG B 10 39.38 -6.34 1.89
C ARG B 10 38.99 -5.48 0.69
N GLN B 11 39.96 -5.13 -0.14
CA GLN B 11 39.69 -4.31 -1.32
C GLN B 11 38.84 -5.07 -2.33
N GLY B 12 39.00 -6.38 -2.37
CA GLY B 12 38.25 -7.21 -3.29
C GLY B 12 36.78 -7.30 -2.91
N TYR B 13 36.51 -7.45 -1.61
CA TYR B 13 35.14 -7.47 -1.14
C TYR B 13 34.47 -6.09 -1.25
N ILE B 14 35.25 -5.02 -1.13
CA ILE B 14 34.69 -3.69 -1.40
C ILE B 14 34.33 -3.55 -2.88
N HIS B 15 35.23 -4.02 -3.74
CA HIS B 15 35.00 -4.02 -5.17
C HIS B 15 33.71 -4.77 -5.49
N GLU B 16 33.54 -5.92 -4.86
CA GLU B 16 32.35 -6.72 -5.10
C GLU B 16 31.10 -5.99 -4.65
N LEU B 17 31.20 -5.27 -3.53
CA LEU B 17 30.08 -4.46 -3.04
C LEU B 17 29.57 -3.57 -4.17
N ILE B 18 30.46 -2.76 -4.74
CA ILE B 18 30.07 -1.75 -5.71
C ILE B 18 29.58 -2.38 -7.00
N VAL B 19 30.38 -3.28 -7.56
CA VAL B 19 30.02 -3.97 -8.79
C VAL B 19 28.67 -4.68 -8.73
N THR B 20 28.39 -5.40 -7.65
CA THR B 20 27.09 -6.04 -7.50
C THR B 20 25.95 -5.06 -7.19
N GLU B 21 26.29 -3.87 -6.67
CA GLU B 21 25.25 -2.84 -6.51
C GLU B 21 24.91 -2.25 -7.88
N GLU B 22 25.94 -1.93 -8.66
CA GLU B 22 25.80 -1.51 -10.05
C GLU B 22 24.91 -2.49 -10.83
N ASN B 23 25.23 -3.78 -10.73
CA ASN B 23 24.45 -4.81 -11.41
C ASN B 23 23.01 -4.84 -10.92
N TYR B 24 22.85 -4.78 -9.60
CA TYR B 24 21.53 -4.85 -8.97
C TYR B 24 20.65 -3.69 -9.40
N VAL B 25 21.19 -2.48 -9.35
CA VAL B 25 20.42 -1.29 -9.69
C VAL B 25 19.99 -1.36 -11.13
N ASN B 26 20.91 -1.77 -12.00
CA ASN B 26 20.61 -2.01 -13.41
C ASN B 26 19.53 -3.07 -13.62
N ASP B 27 19.57 -4.13 -12.82
CA ASP B 27 18.55 -5.18 -12.87
C ASP B 27 17.18 -4.68 -12.40
N LEU B 28 17.16 -3.83 -11.37
CA LEU B 28 15.91 -3.26 -10.88
C LEU B 28 15.27 -2.40 -11.97
N GLN B 29 16.11 -1.67 -12.68
CA GLN B 29 15.62 -0.79 -13.73
C GLN B 29 15.17 -1.56 -14.97
N LEU B 30 15.90 -2.61 -15.34
CA LEU B 30 15.48 -3.49 -16.45
C LEU B 30 14.05 -3.99 -16.25
N VAL B 31 13.75 -4.41 -15.03
CA VAL B 31 12.44 -4.97 -14.69
C VAL B 31 11.33 -3.96 -14.94
N THR B 32 11.57 -2.72 -14.55
CA THR B 32 10.59 -1.67 -14.74
C THR B 32 10.39 -1.39 -16.24
N GLU B 33 11.49 -1.41 -16.98
CA GLU B 33 11.45 -1.14 -18.41
C GLU B 33 10.80 -2.26 -19.22
N ILE B 34 11.21 -3.50 -18.97
CA ILE B 34 10.80 -4.59 -19.86
C ILE B 34 9.59 -5.37 -19.35
N PHE B 35 9.31 -5.27 -18.07
CA PHE B 35 8.18 -6.01 -17.51
C PHE B 35 7.02 -5.13 -17.00
N GLN B 36 7.32 -4.21 -16.07
CA GLN B 36 6.26 -3.42 -15.43
C GLN B 36 5.47 -2.53 -16.39
N LYS B 37 6.15 -1.56 -17.01
CA LYS B 37 5.50 -0.66 -17.95
C LYS B 37 4.66 -1.40 -19.01
N PRO B 38 5.24 -2.41 -19.69
CA PRO B 38 4.42 -3.10 -20.70
C PRO B 38 3.21 -3.83 -20.13
N LEU B 39 3.37 -4.48 -18.98
CA LEU B 39 2.26 -5.19 -18.36
C LEU B 39 1.13 -4.22 -18.00
N MET B 40 1.50 -3.04 -17.52
CA MET B 40 0.49 -2.05 -17.14
C MET B 40 -0.27 -1.53 -18.36
N GLU B 41 0.47 -1.23 -19.42
CA GLU B 41 -0.09 -0.73 -20.67
C GLU B 41 -0.93 -1.78 -21.39
N SER B 42 -0.70 -3.05 -21.09
CA SER B 42 -1.29 -4.14 -21.84
C SER B 42 -2.82 -4.18 -21.76
N GLU B 43 -3.36 -3.61 -20.69
CA GLU B 43 -4.79 -3.70 -20.36
C GLU B 43 -5.19 -5.13 -19.98
N LEU B 44 -4.21 -6.01 -19.87
CA LEU B 44 -4.46 -7.39 -19.49
C LEU B 44 -4.78 -7.47 -18.01
N LEU B 45 -4.03 -6.73 -17.19
CA LEU B 45 -4.26 -6.70 -15.75
C LEU B 45 -4.93 -5.40 -15.34
N THR B 46 -5.45 -5.37 -14.12
CA THR B 46 -5.97 -4.14 -13.53
C THR B 46 -4.85 -3.40 -12.80
N GLU B 47 -5.15 -2.18 -12.37
CA GLU B 47 -4.20 -1.37 -11.61
C GLU B 47 -3.90 -2.05 -10.28
N LYS B 48 -4.90 -2.73 -9.73
CA LYS B 48 -4.69 -3.48 -8.49
C LYS B 48 -3.75 -4.67 -8.70
N GLU B 49 -3.97 -5.39 -9.79
CA GLU B 49 -3.19 -6.58 -10.12
C GLU B 49 -1.73 -6.23 -10.39
N VAL B 50 -1.51 -5.15 -11.13
CA VAL B 50 -0.15 -4.69 -11.39
C VAL B 50 0.59 -4.33 -10.10
N ALA B 51 -0.12 -3.70 -9.16
CA ALA B 51 0.49 -3.30 -7.90
C ALA B 51 0.73 -4.48 -6.95
N MET B 52 -0.06 -5.54 -7.09
CA MET B 52 0.16 -6.75 -6.29
C MET B 52 1.45 -7.47 -6.70
N ILE B 53 1.90 -7.25 -7.93
CA ILE B 53 3.11 -7.86 -8.44
C ILE B 53 4.37 -7.04 -8.12
N PHE B 54 4.34 -5.76 -8.46
CA PHE B 54 5.54 -4.92 -8.37
C PHE B 54 5.64 -4.07 -7.10
N VAL B 55 4.52 -3.90 -6.40
CA VAL B 55 4.47 -3.16 -5.14
C VAL B 55 5.26 -1.86 -5.19
N ASN B 56 6.23 -1.71 -4.30
CA ASN B 56 6.99 -0.45 -4.24
C ASN B 56 8.34 -0.53 -4.95
N TRP B 57 8.40 -1.32 -6.00
CA TRP B 57 9.59 -1.49 -6.83
C TRP B 57 10.27 -0.14 -7.09
N LYS B 58 9.47 0.87 -7.39
CA LYS B 58 9.97 2.21 -7.64
C LYS B 58 10.69 2.79 -6.42
N GLU B 59 10.14 2.56 -5.23
CA GLU B 59 10.78 3.01 -4.00
C GLU B 59 12.16 2.34 -3.87
N LEU B 60 12.24 1.08 -4.27
CA LEU B 60 13.47 0.32 -4.13
C LEU B 60 14.55 0.88 -5.01
N ILE B 61 14.17 1.22 -6.25
CA ILE B 61 15.11 1.82 -7.18
C ILE B 61 15.66 3.12 -6.58
N MET B 62 14.78 3.95 -6.04
CA MET B 62 15.21 5.23 -5.50
C MET B 62 16.22 5.12 -4.35
N CYS B 63 16.00 4.17 -3.44
CA CYS B 63 16.91 4.06 -2.30
C CYS B 63 18.23 3.40 -2.68
N ASN B 64 18.18 2.42 -3.57
CA ASN B 64 19.42 1.78 -3.99
C ASN B 64 20.28 2.71 -4.85
N ILE B 65 19.63 3.44 -5.76
CA ILE B 65 20.29 4.48 -6.54
C ILE B 65 21.01 5.44 -5.59
N LYS B 66 20.40 5.72 -4.44
CA LYS B 66 21.05 6.57 -3.46
C LYS B 66 22.35 5.94 -2.96
N LEU B 67 22.29 4.65 -2.59
CA LEU B 67 23.49 3.98 -2.09
C LEU B 67 24.57 4.02 -3.15
N LEU B 68 24.19 3.67 -4.38
CA LEU B 68 25.15 3.53 -5.47
C LEU B 68 25.93 4.82 -5.74
N LYS B 69 25.21 5.93 -5.81
CA LYS B 69 25.84 7.23 -6.04
C LYS B 69 26.87 7.57 -4.95
N ALA B 70 26.53 7.26 -3.70
CA ALA B 70 27.46 7.52 -2.58
C ALA B 70 28.66 6.57 -2.61
N LEU B 71 28.43 5.34 -3.05
CA LEU B 71 29.49 4.38 -3.27
C LEU B 71 30.42 4.85 -4.40
N ARG B 72 29.82 5.32 -5.49
CA ARG B 72 30.59 5.81 -6.63
C ARG B 72 31.44 7.01 -6.24
N VAL B 73 30.86 7.94 -5.50
CA VAL B 73 31.58 9.15 -5.10
C VAL B 73 32.78 8.81 -4.19
N ARG B 74 32.58 7.87 -3.27
CA ARG B 74 33.67 7.47 -2.38
C ARG B 74 34.80 6.82 -3.17
N LYS B 75 34.44 5.89 -4.06
CA LYS B 75 35.41 5.20 -4.90
C LYS B 75 36.24 6.18 -5.72
N LYS B 76 35.56 7.18 -6.30
CA LYS B 76 36.23 8.19 -7.11
C LYS B 76 37.18 9.02 -6.25
N MET B 77 36.79 9.23 -4.99
CA MET B 77 37.59 10.03 -4.07
C MET B 77 38.85 9.28 -3.64
N SER B 78 38.72 7.95 -3.53
CA SER B 78 39.83 7.12 -3.07
C SER B 78 41.02 7.19 -4.02
N GLY B 79 40.76 7.20 -5.31
CA GLY B 79 41.81 7.24 -6.31
C GLY B 79 41.69 6.10 -7.29
N GLU B 80 42.39 6.21 -8.42
CA GLU B 80 42.29 5.25 -9.51
C GLU B 80 42.71 3.83 -9.11
N LYS B 81 43.98 3.67 -8.75
CA LYS B 81 44.49 2.36 -8.33
C LYS B 81 44.72 2.34 -6.83
N MET B 82 44.23 3.37 -6.15
CA MET B 82 44.33 3.48 -4.71
C MET B 82 43.19 2.71 -4.02
N PRO B 83 43.43 2.19 -2.81
CA PRO B 83 42.43 1.40 -2.10
C PRO B 83 41.38 2.27 -1.37
N VAL B 84 40.12 1.82 -1.37
CA VAL B 84 39.08 2.51 -0.61
C VAL B 84 39.37 2.32 0.86
N LYS B 85 39.70 3.42 1.53
CA LYS B 85 40.07 3.38 2.94
C LYS B 85 38.86 3.19 3.85
N MET B 86 37.75 3.85 3.53
CA MET B 86 36.50 3.69 4.30
C MET B 86 35.31 3.44 3.38
N ILE B 87 34.47 2.48 3.75
CA ILE B 87 33.21 2.24 3.05
C ILE B 87 32.08 2.05 4.05
N GLY B 88 32.45 1.76 5.29
CA GLY B 88 31.48 1.42 6.32
C GLY B 88 30.57 2.56 6.75
N ASP B 89 31.09 3.79 6.70
CA ASP B 89 30.30 4.96 7.07
C ASP B 89 29.09 5.10 6.14
N ILE B 90 29.29 4.79 4.86
CA ILE B 90 28.22 4.95 3.87
C ILE B 90 27.08 3.95 4.04
N LEU B 91 27.42 2.69 4.30
CA LEU B 91 26.41 1.66 4.51
C LEU B 91 25.64 1.93 5.80
N SER B 92 26.37 2.37 6.83
CA SER B 92 25.77 2.64 8.13
C SER B 92 24.73 3.75 8.01
N ALA B 93 24.99 4.71 7.14
CA ALA B 93 24.08 5.83 6.91
C ALA B 93 22.94 5.49 5.96
N GLN B 94 23.21 4.61 4.99
CA GLN B 94 22.24 4.28 3.93
C GLN B 94 21.24 3.17 4.31
N LEU B 95 21.69 2.18 5.07
CA LEU B 95 20.82 1.05 5.42
C LEU B 95 19.53 1.43 6.17
N PRO B 96 19.59 2.44 7.06
CA PRO B 96 18.30 2.88 7.61
C PRO B 96 17.37 3.61 6.61
N HIS B 97 17.82 3.83 5.38
CA HIS B 97 16.95 4.36 4.34
C HIS B 97 16.27 3.23 3.59
N MET B 98 16.34 2.02 4.13
CA MET B 98 15.97 0.84 3.37
C MET B 98 14.77 0.08 3.93
N GLN B 99 14.00 0.77 4.76
CA GLN B 99 12.72 0.24 5.21
C GLN B 99 11.73 -0.14 4.08
N PRO B 100 11.86 0.42 2.86
CA PRO B 100 10.88 -0.06 1.87
C PRO B 100 11.04 -1.54 1.49
N TYR B 101 12.18 -2.14 1.81
CA TYR B 101 12.38 -3.57 1.58
C TYR B 101 11.42 -4.42 2.38
N ILE B 102 10.97 -3.92 3.53
CA ILE B 102 10.03 -4.67 4.35
C ILE B 102 8.68 -4.77 3.65
N ARG B 103 8.18 -3.65 3.15
CA ARG B 103 6.91 -3.66 2.42
C ARG B 103 6.99 -4.64 1.24
N PHE B 104 8.03 -4.50 0.43
CA PHE B 104 8.14 -5.31 -0.78
C PHE B 104 8.14 -6.81 -0.51
N CYS B 105 9.05 -7.25 0.35
CA CYS B 105 9.24 -8.67 0.56
C CYS B 105 8.08 -9.30 1.30
N SER B 106 7.35 -8.48 2.05
CA SER B 106 6.22 -9.00 2.80
C SER B 106 4.97 -9.09 1.92
N ARG B 107 5.08 -8.59 0.68
CA ARG B 107 3.95 -8.63 -0.24
C ARG B 107 4.22 -9.44 -1.51
N GLN B 108 5.48 -9.81 -1.73
CA GLN B 108 5.87 -10.47 -2.97
C GLN B 108 5.35 -11.91 -3.10
N LEU B 109 4.84 -12.46 -2.01
CA LEU B 109 4.29 -13.81 -2.05
C LEU B 109 2.92 -13.84 -2.74
N ASN B 110 2.08 -12.85 -2.43
CA ASN B 110 0.78 -12.69 -3.08
C ASN B 110 0.97 -12.46 -4.56
N GLY B 111 2.00 -11.70 -4.91
CA GLY B 111 2.32 -11.43 -6.30
C GLY B 111 2.75 -12.66 -7.06
N ALA B 112 3.62 -13.45 -6.42
CA ALA B 112 4.05 -14.72 -6.99
C ALA B 112 2.84 -15.62 -7.26
N ALA B 113 1.88 -15.61 -6.34
CA ALA B 113 0.66 -16.39 -6.51
C ALA B 113 -0.14 -15.85 -7.67
N LEU B 114 -0.37 -14.54 -7.65
CA LEU B 114 -1.12 -13.83 -8.68
C LEU B 114 -0.58 -14.11 -10.09
N ILE B 115 0.75 -14.09 -10.22
CA ILE B 115 1.41 -14.38 -11.49
C ILE B 115 1.15 -15.81 -11.94
N GLN B 116 1.23 -16.74 -11.00
CA GLN B 116 1.07 -18.17 -11.31
C GLN B 116 -0.37 -18.47 -11.74
N GLN B 117 -1.33 -17.90 -11.03
CA GLN B 117 -2.74 -18.07 -11.36
C GLN B 117 -3.07 -17.55 -12.76
N LYS B 118 -2.65 -16.33 -13.05
CA LYS B 118 -2.91 -15.71 -14.33
C LYS B 118 -2.15 -16.45 -15.43
N THR B 119 -0.97 -16.96 -15.09
CA THR B 119 -0.14 -17.74 -16.00
C THR B 119 -0.92 -18.94 -16.52
N ASP B 120 -1.67 -19.58 -15.62
CA ASP B 120 -2.35 -20.83 -15.96
C ASP B 120 -3.79 -20.65 -16.45
N GLU B 121 -4.54 -19.75 -15.81
CA GLU B 121 -5.94 -19.53 -16.18
C GLU B 121 -6.08 -18.77 -17.50
N ALA B 122 -5.05 -18.01 -17.86
CA ALA B 122 -5.09 -17.21 -19.07
C ALA B 122 -3.80 -17.38 -19.86
N PRO B 123 -3.90 -17.98 -21.06
CA PRO B 123 -2.73 -18.24 -21.91
C PRO B 123 -2.23 -16.98 -22.59
N ASP B 124 -3.00 -15.89 -22.48
CA ASP B 124 -2.57 -14.60 -22.98
C ASP B 124 -1.43 -14.07 -22.13
N PHE B 125 -1.60 -14.12 -20.82
CA PHE B 125 -0.60 -13.66 -19.87
C PHE B 125 0.69 -14.47 -20.01
N LYS B 126 0.52 -15.79 -20.11
CA LYS B 126 1.65 -16.72 -20.18
C LYS B 126 2.58 -16.37 -21.33
N GLU B 127 2.02 -16.19 -22.52
CA GLU B 127 2.83 -15.95 -23.70
C GLU B 127 3.38 -14.53 -23.74
N PHE B 128 2.60 -13.56 -23.26
CA PHE B 128 3.04 -12.18 -23.28
C PHE B 128 4.24 -11.98 -22.36
N VAL B 129 4.20 -12.62 -21.20
CA VAL B 129 5.31 -12.51 -20.26
C VAL B 129 6.54 -13.25 -20.81
N LYS B 130 6.30 -14.37 -21.48
CA LYS B 130 7.39 -15.12 -22.12
C LYS B 130 8.02 -14.30 -23.22
N ARG B 131 7.21 -13.57 -23.98
CA ARG B 131 7.71 -12.71 -25.04
C ARG B 131 8.57 -11.57 -24.50
N LEU B 132 8.08 -10.88 -23.48
CA LEU B 132 8.83 -9.78 -22.86
C LEU B 132 10.21 -10.24 -22.37
N ALA B 133 10.28 -11.43 -21.80
CA ALA B 133 11.54 -11.94 -21.25
C ALA B 133 12.56 -12.32 -22.33
N MET B 134 12.15 -12.30 -23.59
CA MET B 134 13.05 -12.60 -24.70
C MET B 134 14.14 -11.55 -24.92
N ASP B 135 13.92 -10.33 -24.40
CA ASP B 135 14.95 -9.28 -24.44
C ASP B 135 16.26 -9.85 -23.89
N PRO B 136 17.36 -9.72 -24.66
CA PRO B 136 18.65 -10.31 -24.25
C PRO B 136 19.19 -9.75 -22.94
N ARG B 137 18.72 -8.58 -22.53
CA ARG B 137 19.19 -8.00 -21.27
C ARG B 137 18.78 -8.88 -20.07
N CYS B 138 17.76 -9.70 -20.25
CA CYS B 138 17.30 -10.60 -19.20
C CYS B 138 18.23 -11.79 -18.98
N LYS B 139 19.07 -12.08 -19.97
CA LYS B 139 19.94 -13.26 -19.93
C LYS B 139 19.18 -14.51 -19.48
N GLY B 140 18.04 -14.75 -20.09
CA GLY B 140 17.28 -15.97 -19.88
C GLY B 140 16.45 -16.06 -18.60
N MET B 141 16.51 -15.01 -17.78
CA MET B 141 15.73 -15.00 -16.54
C MET B 141 14.27 -14.56 -16.76
N PRO B 142 13.32 -15.36 -16.27
CA PRO B 142 11.90 -15.00 -16.38
C PRO B 142 11.46 -14.02 -15.29
N LEU B 143 10.29 -13.40 -15.45
CA LEU B 143 9.82 -12.37 -14.53
C LEU B 143 9.82 -12.80 -13.07
N SER B 144 9.30 -14.00 -12.82
CA SER B 144 9.14 -14.50 -11.45
C SER B 144 10.47 -14.70 -10.72
N GLU B 145 11.56 -14.74 -11.46
CA GLU B 145 12.88 -14.87 -10.85
C GLU B 145 13.47 -13.50 -10.54
N PHE B 146 13.13 -12.50 -11.35
CA PHE B 146 13.53 -11.10 -11.09
C PHE B 146 12.86 -10.57 -9.83
N ILE B 147 11.63 -11.01 -9.56
CA ILE B 147 10.88 -10.58 -8.39
C ILE B 147 11.63 -10.92 -7.10
N LEU B 148 12.45 -11.98 -7.14
CA LEU B 148 13.20 -12.44 -5.96
C LEU B 148 14.40 -11.56 -5.63
N LYS B 149 14.81 -10.72 -6.57
CA LYS B 149 16.05 -9.95 -6.40
C LYS B 149 16.13 -9.04 -5.15
N PRO B 150 15.02 -8.38 -4.78
CA PRO B 150 15.15 -7.55 -3.58
C PRO B 150 15.36 -8.37 -2.31
N MET B 151 14.65 -9.48 -2.15
CA MET B 151 14.93 -10.38 -1.03
C MET B 151 16.37 -10.89 -1.06
N GLN B 152 16.83 -11.31 -2.24
CA GLN B 152 18.20 -11.78 -2.39
C GLN B 152 19.20 -10.68 -2.03
N ARG B 153 18.85 -9.44 -2.34
CA ARG B 153 19.78 -8.34 -2.12
C ARG B 153 19.94 -7.99 -0.64
N VAL B 154 18.84 -7.78 0.09
CA VAL B 154 18.98 -7.46 1.52
C VAL B 154 19.69 -8.57 2.30
N THR B 155 19.50 -9.81 1.88
CA THR B 155 20.09 -10.94 2.58
C THR B 155 21.59 -11.06 2.27
N ARG B 156 22.05 -10.43 1.20
CA ARG B 156 23.45 -10.54 0.81
C ARG B 156 24.32 -9.44 1.43
N TYR B 157 23.70 -8.31 1.77
CA TYR B 157 24.42 -7.23 2.48
C TYR B 157 25.21 -7.70 3.73
N PRO B 158 24.58 -8.50 4.62
CA PRO B 158 25.36 -8.95 5.78
C PRO B 158 26.54 -9.84 5.40
N LEU B 159 26.38 -10.72 4.42
CA LEU B 159 27.48 -11.56 3.95
C LEU B 159 28.64 -10.70 3.44
N ILE B 160 28.32 -9.71 2.60
CA ILE B 160 29.33 -8.83 2.00
C ILE B 160 30.07 -8.03 3.06
N ILE B 161 29.32 -7.45 3.99
CA ILE B 161 29.92 -6.60 5.01
C ILE B 161 30.77 -7.43 5.98
N LYS B 162 30.27 -8.59 6.36
CA LYS B 162 31.01 -9.50 7.23
C LYS B 162 32.37 -9.82 6.61
N ASN B 163 32.41 -10.03 5.29
CA ASN B 163 33.66 -10.36 4.65
C ASN B 163 34.60 -9.17 4.59
N ILE B 164 34.04 -7.97 4.46
CA ILE B 164 34.86 -6.76 4.46
C ILE B 164 35.42 -6.57 5.87
N LEU B 165 34.56 -6.82 6.86
CA LEU B 165 34.93 -6.64 8.27
C LEU B 165 36.01 -7.63 8.70
N GLU B 166 35.81 -8.91 8.41
CA GLU B 166 36.77 -9.97 8.76
C GLU B 166 38.17 -9.68 8.23
N ASN B 167 38.24 -8.96 7.12
CA ASN B 167 39.52 -8.56 6.56
C ASN B 167 39.82 -7.09 6.84
N THR B 168 39.31 -6.59 7.97
CA THR B 168 39.58 -5.23 8.42
C THR B 168 39.97 -5.25 9.90
N PRO B 169 41.25 -4.96 10.19
CA PRO B 169 41.85 -5.05 11.53
C PRO B 169 41.24 -4.05 12.50
N GLU B 170 41.32 -4.34 13.80
CA GLU B 170 40.57 -3.59 14.80
C GLU B 170 40.92 -2.11 14.92
N ASN B 171 42.18 -1.74 14.64
CA ASN B 171 42.59 -0.33 14.73
C ASN B 171 42.41 0.46 13.42
N HIS B 172 41.74 -0.14 12.46
CA HIS B 172 41.50 0.48 11.17
C HIS B 172 40.35 1.48 11.28
N PRO B 173 40.44 2.61 10.57
CA PRO B 173 39.40 3.65 10.69
C PRO B 173 38.03 3.26 10.15
N ASP B 174 37.90 2.03 9.63
CA ASP B 174 36.65 1.60 9.04
C ASP B 174 36.04 0.48 9.88
N HIS B 175 36.77 0.02 10.89
CA HIS B 175 36.33 -1.12 11.66
C HIS B 175 35.02 -0.85 12.43
N SER B 176 34.97 0.27 13.12
CA SER B 176 33.80 0.61 13.90
C SER B 176 32.60 0.81 12.98
N HIS B 177 32.80 1.55 11.89
CA HIS B 177 31.72 1.79 10.93
C HIS B 177 31.17 0.49 10.36
N LEU B 178 32.05 -0.43 10.01
CA LEU B 178 31.63 -1.73 9.49
C LEU B 178 30.88 -2.54 10.53
N LYS B 179 31.33 -2.48 11.79
CA LYS B 179 30.65 -3.18 12.88
C LYS B 179 29.22 -2.67 13.00
N HIS B 180 29.04 -1.36 12.84
CA HIS B 180 27.72 -0.76 12.86
C HIS B 180 26.91 -1.22 11.65
N ALA B 181 27.51 -1.13 10.47
CA ALA B 181 26.85 -1.55 9.25
C ALA B 181 26.29 -2.97 9.34
N LEU B 182 27.10 -3.88 9.89
CA LEU B 182 26.69 -5.28 10.07
C LEU B 182 25.47 -5.40 10.98
N GLU B 183 25.49 -4.70 12.11
CA GLU B 183 24.34 -4.72 13.01
C GLU B 183 23.07 -4.25 12.28
N LYS B 184 23.17 -3.16 11.54
CA LYS B 184 22.01 -2.61 10.84
C LYS B 184 21.53 -3.49 9.67
N ALA B 185 22.45 -4.08 8.93
CA ALA B 185 22.06 -4.96 7.82
C ALA B 185 21.36 -6.23 8.32
N GLU B 186 21.79 -6.71 9.48
CA GLU B 186 21.13 -7.85 10.13
C GLU B 186 19.77 -7.46 10.71
N GLU B 187 19.70 -6.27 11.29
CA GLU B 187 18.42 -5.71 11.73
C GLU B 187 17.41 -5.60 10.59
N LEU B 188 17.86 -5.06 9.45
CA LEU B 188 17.00 -4.91 8.29
C LEU B 188 16.42 -6.25 7.86
N CYS B 189 17.30 -7.27 7.78
CA CYS B 189 16.86 -8.59 7.34
C CYS B 189 15.82 -9.15 8.28
N SER B 190 16.09 -9.06 9.57
CA SER B 190 15.14 -9.61 10.54
C SER B 190 13.79 -8.92 10.48
N GLN B 191 13.81 -7.61 10.28
CA GLN B 191 12.57 -6.87 10.11
C GLN B 191 11.85 -7.38 8.86
N VAL B 192 12.59 -7.53 7.77
CA VAL B 192 12.02 -8.08 6.54
C VAL B 192 11.38 -9.43 6.82
N ASN B 193 12.15 -10.33 7.40
CA ASN B 193 11.67 -11.65 7.77
C ASN B 193 10.42 -11.56 8.64
N GLU B 194 10.44 -10.67 9.63
CA GLU B 194 9.28 -10.46 10.50
C GLU B 194 8.08 -9.94 9.72
N GLY B 195 8.32 -8.92 8.89
CA GLY B 195 7.27 -8.34 8.08
C GLY B 195 6.57 -9.36 7.20
N VAL B 196 7.34 -10.32 6.70
CA VAL B 196 6.76 -11.38 5.88
C VAL B 196 5.82 -12.23 6.73
N ARG B 197 6.24 -12.48 7.96
CA ARG B 197 5.44 -13.32 8.84
C ARG B 197 4.14 -12.61 9.27
N GLU B 198 4.25 -11.32 9.61
CA GLU B 198 3.10 -10.52 10.01
C GLU B 198 2.06 -10.50 8.91
N LYS B 199 2.51 -10.27 7.68
CA LYS B 199 1.59 -10.22 6.55
C LYS B 199 0.99 -11.59 6.27
N GLU B 200 1.81 -12.62 6.41
CA GLU B 200 1.34 -14.00 6.25
C GLU B 200 0.23 -14.25 7.28
N ASN B 201 0.39 -13.65 8.45
CA ASN B 201 -0.55 -13.81 9.53
C ASN B 201 -1.84 -13.03 9.26
N SER B 202 -1.68 -11.80 8.78
CA SER B 202 -2.81 -10.92 8.52
C SER B 202 -3.73 -11.53 7.46
N ASP B 203 -3.13 -12.03 6.38
CA ASP B 203 -3.90 -12.65 5.30
C ASP B 203 -4.58 -13.93 5.76
N ARG B 204 -3.96 -14.61 6.73
CA ARG B 204 -4.52 -15.83 7.29
C ARG B 204 -5.79 -15.52 8.08
N LEU B 205 -5.74 -14.49 8.91
CA LEU B 205 -6.86 -14.09 9.75
C LEU B 205 -7.99 -13.43 8.95
N GLU B 206 -7.65 -12.87 7.80
CA GLU B 206 -8.66 -12.25 6.95
C GLU B 206 -9.35 -13.31 6.10
N TRP B 207 -8.66 -14.43 5.91
CA TRP B 207 -9.20 -15.57 5.18
C TRP B 207 -10.17 -16.34 6.06
N ILE B 208 -9.85 -16.38 7.35
CA ILE B 208 -10.71 -17.03 8.33
C ILE B 208 -11.97 -16.18 8.57
N GLN B 209 -11.81 -14.87 8.50
CA GLN B 209 -12.89 -13.93 8.76
C GLN B 209 -13.99 -14.04 7.71
N ALA B 210 -13.70 -14.73 6.61
CA ALA B 210 -14.64 -14.81 5.49
C ALA B 210 -15.16 -16.22 5.25
N HIS B 211 -14.41 -17.23 5.72
CA HIS B 211 -14.79 -18.62 5.51
C HIS B 211 -15.23 -19.32 6.79
N VAL B 212 -15.54 -18.55 7.84
CA VAL B 212 -16.00 -19.13 9.09
C VAL B 212 -17.11 -18.28 9.72
N GLN B 213 -18.32 -18.84 9.77
CA GLN B 213 -19.46 -18.13 10.36
C GLN B 213 -19.50 -18.30 11.87
N CYS B 214 -19.22 -17.22 12.59
CA CYS B 214 -19.18 -17.24 14.04
C CYS B 214 -20.46 -16.63 14.63
N GLU B 215 -21.60 -17.11 14.15
CA GLU B 215 -22.90 -16.59 14.59
C GLU B 215 -23.40 -17.28 15.86
N GLY B 216 -23.84 -16.46 16.81
CA GLY B 216 -24.26 -16.94 18.12
C GLY B 216 -23.89 -15.92 19.18
N GLN B 220 -19.76 -11.89 14.37
CA GLN B 220 -19.52 -10.97 15.47
C GLN B 220 -18.07 -11.06 15.92
N LEU B 221 -17.42 -12.15 15.51
CA LEU B 221 -16.03 -12.43 15.86
C LEU B 221 -15.07 -11.75 14.87
N VAL B 222 -14.23 -10.84 15.38
CA VAL B 222 -13.29 -10.08 14.55
C VAL B 222 -11.85 -10.59 14.70
N PHE B 223 -11.44 -11.47 13.80
CA PHE B 223 -10.16 -12.18 13.90
C PHE B 223 -8.89 -11.32 13.80
N ASN B 224 -8.83 -10.46 12.80
CA ASN B 224 -7.62 -9.68 12.57
C ASN B 224 -7.57 -8.41 13.40
N SER B 225 -7.56 -8.56 14.72
CA SER B 225 -7.46 -7.42 15.62
C SER B 225 -6.91 -7.80 17.00
N VAL B 226 -6.51 -6.77 17.74
CA VAL B 226 -5.83 -6.91 19.02
C VAL B 226 -6.54 -7.80 20.03
N THR B 227 -5.88 -8.88 20.43
CA THR B 227 -6.37 -9.76 21.49
C THR B 227 -6.44 -9.01 22.82
N ASN B 228 -7.08 -9.62 23.82
CA ASN B 228 -7.35 -8.96 25.11
C ASN B 228 -6.12 -8.41 25.83
N CYS B 229 -5.08 -9.23 25.95
CA CYS B 229 -3.85 -8.80 26.62
C CYS B 229 -2.60 -9.45 26.03
N LEU B 230 -2.74 -10.04 24.85
CA LEU B 230 -1.63 -10.73 24.19
C LEU B 230 -1.24 -10.07 22.87
N GLY B 231 -1.48 -8.77 22.76
CA GLY B 231 -1.18 -8.03 21.55
C GLY B 231 -2.09 -8.42 20.40
N PRO B 232 -1.69 -8.12 19.16
CA PRO B 232 -2.45 -8.53 17.97
C PRO B 232 -2.61 -10.05 17.94
N ARG B 233 -3.74 -10.51 17.42
CA ARG B 233 -4.01 -11.94 17.34
C ARG B 233 -3.08 -12.66 16.37
N LYS B 234 -2.69 -13.87 16.73
CA LYS B 234 -1.75 -14.65 15.94
C LYS B 234 -2.26 -16.06 15.70
N PHE B 235 -2.58 -16.39 14.44
CA PHE B 235 -2.90 -17.75 14.06
C PHE B 235 -1.70 -18.66 14.35
N LEU B 236 -1.94 -19.79 15.01
CA LEU B 236 -0.85 -20.67 15.42
C LEU B 236 -0.84 -21.99 14.67
N HIS B 237 -2.01 -22.59 14.44
CA HIS B 237 -2.10 -23.89 13.82
C HIS B 237 -3.53 -24.22 13.41
N SER B 238 -3.67 -25.18 12.50
CA SER B 238 -5.00 -25.62 12.08
C SER B 238 -4.92 -26.98 11.42
N GLY B 239 -5.76 -27.90 11.88
CA GLY B 239 -5.81 -29.24 11.33
C GLY B 239 -7.08 -29.94 11.81
N LYS B 240 -7.68 -30.74 10.94
CA LYS B 240 -8.94 -31.43 11.23
C LYS B 240 -8.87 -32.22 12.55
N LEU B 241 -9.89 -32.05 13.38
CA LEU B 241 -9.95 -32.73 14.67
C LEU B 241 -11.10 -33.73 14.68
N TYR B 242 -10.77 -34.99 14.38
CA TYR B 242 -11.76 -36.06 14.32
C TYR B 242 -12.19 -36.52 15.70
N LYS B 243 -13.48 -36.38 15.98
CA LYS B 243 -14.05 -36.88 17.23
C LYS B 243 -14.85 -38.14 16.96
N ALA B 244 -14.28 -39.28 17.31
CA ALA B 244 -14.98 -40.56 17.17
C ALA B 244 -16.10 -40.65 18.19
N LYS B 245 -16.05 -39.80 19.20
CA LYS B 245 -17.14 -39.62 20.15
C LYS B 245 -17.85 -38.31 19.86
N SER B 246 -19.15 -38.26 20.16
CA SER B 246 -20.02 -37.13 19.85
C SER B 246 -20.24 -36.93 18.35
N GLU B 249 -15.54 -35.93 13.03
CA GLU B 249 -15.53 -35.53 11.63
C GLU B 249 -15.44 -34.01 11.48
N LEU B 250 -14.84 -33.35 12.47
CA LEU B 250 -14.75 -31.90 12.48
C LEU B 250 -13.42 -31.39 11.92
N TYR B 251 -13.25 -30.08 11.95
CA TYR B 251 -11.99 -29.45 11.55
C TYR B 251 -11.83 -28.15 12.34
N GLY B 252 -10.70 -28.01 13.03
CA GLY B 252 -10.49 -26.89 13.91
C GLY B 252 -9.29 -26.03 13.56
N PHE B 253 -9.36 -24.74 13.93
CA PHE B 253 -8.28 -23.80 13.70
C PHE B 253 -7.73 -23.31 15.04
N LEU B 254 -6.45 -23.55 15.28
CA LEU B 254 -5.82 -23.15 16.54
C LEU B 254 -5.17 -21.78 16.42
N PHE B 255 -5.72 -20.81 17.13
CA PHE B 255 -5.17 -19.45 17.15
C PHE B 255 -4.32 -19.24 18.40
N ASN B 256 -3.86 -18.00 18.59
CA ASN B 256 -3.10 -17.65 19.79
C ASN B 256 -3.91 -17.93 21.06
N ASP B 257 -5.14 -17.43 21.09
CA ASP B 257 -5.94 -17.42 22.31
C ASP B 257 -7.10 -18.43 22.35
N PHE B 258 -7.42 -19.06 21.23
CA PHE B 258 -8.56 -19.98 21.17
C PHE B 258 -8.30 -21.20 20.30
N LEU B 259 -9.24 -22.14 20.33
CA LEU B 259 -9.30 -23.21 19.34
C LEU B 259 -10.70 -23.29 18.78
N LEU B 260 -10.90 -22.72 17.60
CA LEU B 260 -12.21 -22.73 16.96
C LEU B 260 -12.57 -24.10 16.39
N LEU B 261 -13.38 -24.84 17.13
CA LEU B 261 -13.93 -26.09 16.63
C LEU B 261 -14.92 -25.76 15.51
N THR B 262 -14.76 -26.38 14.36
CA THR B 262 -15.63 -26.09 13.23
C THR B 262 -16.01 -27.34 12.44
N GLN B 263 -17.05 -27.21 11.62
CA GLN B 263 -17.51 -28.30 10.76
C GLN B 263 -17.59 -27.82 9.32
N ILE B 264 -16.99 -28.59 8.41
CA ILE B 264 -16.91 -28.20 7.00
C ILE B 264 -18.21 -28.45 6.23
N THR B 265 -19.04 -27.42 6.12
CA THR B 265 -20.28 -27.52 5.38
C THR B 265 -19.98 -27.49 3.87
N LYS B 266 -20.15 -28.63 3.22
CA LYS B 266 -19.85 -28.77 1.80
C LYS B 266 -20.82 -27.97 0.93
N PHE B 277 -5.96 -22.88 2.97
CA PHE B 277 -5.86 -21.42 2.85
C PHE B 277 -5.91 -20.95 1.40
N SER B 278 -6.27 -21.84 0.49
CA SER B 278 -6.29 -21.52 -0.94
C SER B 278 -7.39 -20.53 -1.30
N PRO B 279 -7.44 -20.12 -2.57
CA PRO B 279 -8.51 -19.21 -2.99
C PRO B 279 -9.68 -19.99 -3.59
N LYS B 280 -10.07 -21.08 -2.94
CA LYS B 280 -11.13 -21.95 -3.45
C LYS B 280 -12.33 -22.03 -2.49
N SER B 281 -13.52 -22.09 -3.08
CA SER B 281 -14.77 -22.08 -2.32
C SER B 281 -14.91 -23.27 -1.36
N ASN B 282 -15.19 -22.94 -0.10
CA ASN B 282 -15.44 -23.92 0.95
C ASN B 282 -15.86 -23.17 2.23
N LEU B 283 -16.88 -23.68 2.90
CA LEU B 283 -17.42 -22.99 4.07
C LEU B 283 -17.26 -23.79 5.37
N GLN B 284 -17.26 -23.08 6.50
CA GLN B 284 -17.13 -23.70 7.81
C GLN B 284 -18.01 -22.97 8.83
N TYR B 285 -18.58 -23.72 9.77
CA TYR B 285 -19.44 -23.15 10.79
C TYR B 285 -18.85 -23.26 12.20
N ILE B 292 -11.49 -21.45 24.46
CA ILE B 292 -10.41 -20.49 24.68
C ILE B 292 -9.23 -21.16 25.39
N PHE B 293 -8.02 -20.74 25.03
CA PHE B 293 -6.79 -21.40 25.44
C PHE B 293 -6.51 -21.39 26.96
N LEU B 294 -6.93 -20.32 27.63
CA LEU B 294 -6.65 -20.16 29.06
C LEU B 294 -7.17 -21.34 29.87
N ASN B 295 -8.49 -21.46 29.93
CA ASN B 295 -9.14 -22.52 30.70
C ASN B 295 -9.12 -23.88 30.01
N GLU B 296 -7.93 -24.38 29.69
CA GLU B 296 -7.81 -25.66 28.99
C GLU B 296 -6.52 -26.41 29.35
N VAL B 297 -6.48 -27.68 28.97
CA VAL B 297 -5.31 -28.55 29.19
C VAL B 297 -5.48 -29.83 28.38
N LEU B 298 -4.42 -30.25 27.69
CA LEU B 298 -4.52 -31.39 26.76
C LEU B 298 -3.66 -32.59 27.12
N VAL B 299 -4.12 -33.77 26.69
CA VAL B 299 -3.39 -35.03 26.86
C VAL B 299 -3.62 -35.92 25.64
N LYS B 300 -3.13 -37.16 25.69
CA LYS B 300 -3.29 -38.09 24.59
C LYS B 300 -3.68 -39.49 25.06
N ASP B 304 -4.20 -43.61 28.75
CA ASP B 304 -4.83 -42.45 29.38
C ASP B 304 -6.08 -42.01 28.62
N ILE B 311 -5.99 -38.59 20.82
CA ILE B 311 -5.74 -37.45 21.69
C ILE B 311 -7.03 -36.97 22.38
N PHE B 312 -6.89 -36.55 23.63
CA PHE B 312 -8.01 -36.07 24.42
C PHE B 312 -7.82 -34.61 24.83
N HIS B 313 -8.92 -33.89 25.04
CA HIS B 313 -8.83 -32.50 25.49
C HIS B 313 -9.73 -32.23 26.69
N ILE B 314 -9.44 -31.14 27.42
CA ILE B 314 -10.22 -30.79 28.59
C ILE B 314 -10.60 -29.31 28.62
N SER B 315 -11.84 -29.01 28.28
CA SER B 315 -12.32 -27.62 28.24
C SER B 315 -12.87 -27.18 29.60
N ASP B 318 -15.31 -30.03 31.76
CA ASP B 318 -15.99 -30.50 30.54
C ASP B 318 -14.98 -31.04 29.53
N ARG B 319 -14.91 -32.36 29.42
CA ARG B 319 -13.89 -33.01 28.58
C ARG B 319 -14.46 -33.59 27.28
N VAL B 320 -13.57 -33.80 26.32
CA VAL B 320 -13.95 -34.33 25.01
C VAL B 320 -12.75 -34.91 24.27
N TYR B 321 -12.95 -36.09 23.67
CA TYR B 321 -11.89 -36.78 22.94
C TYR B 321 -11.62 -36.14 21.58
N ALA B 333 1.40 -32.72 17.90
CA ALA B 333 0.84 -31.38 17.75
C ALA B 333 0.20 -30.88 19.04
N TRP B 334 0.41 -31.63 20.13
CA TRP B 334 -0.11 -31.24 21.43
C TRP B 334 0.74 -30.13 22.05
N VAL B 335 2.00 -30.06 21.63
CA VAL B 335 2.93 -29.06 22.14
C VAL B 335 2.48 -27.64 21.78
N GLN B 336 1.88 -27.51 20.60
CA GLN B 336 1.37 -26.22 20.15
C GLN B 336 0.28 -25.70 21.09
N LYS B 337 -0.68 -26.57 21.41
CA LYS B 337 -1.74 -26.23 22.35
C LYS B 337 -1.16 -26.02 23.74
N ILE B 338 -0.17 -26.84 24.10
CA ILE B 338 0.47 -26.76 25.40
C ILE B 338 1.25 -25.45 25.54
N LYS B 339 2.14 -25.17 24.59
CA LYS B 339 2.98 -23.99 24.64
C LYS B 339 2.16 -22.70 24.67
N ALA B 340 1.07 -22.70 23.92
CA ALA B 340 0.18 -21.54 23.86
C ALA B 340 -0.47 -21.28 25.21
N ALA B 341 -0.94 -22.35 25.84
CA ALA B 341 -1.57 -22.27 27.15
C ALA B 341 -0.65 -21.62 28.19
N SER B 342 0.50 -22.24 28.42
CA SER B 342 1.48 -21.76 29.38
C SER B 342 1.92 -20.33 29.08
N GLU B 343 1.88 -19.97 27.79
CA GLU B 343 2.28 -18.63 27.36
C GLU B 343 1.26 -17.56 27.75
N LEU B 344 -0.01 -17.97 27.83
CA LEU B 344 -1.07 -17.05 28.19
C LEU B 344 -1.14 -16.83 29.70
N TYR B 345 -1.10 -17.92 30.45
CA TYR B 345 -1.12 -17.87 31.90
C TYR B 345 0.04 -17.02 32.43
N ILE B 346 1.22 -17.25 31.86
CA ILE B 346 2.43 -16.52 32.26
C ILE B 346 2.42 -15.07 31.82
N GLU B 347 1.62 -14.75 30.80
CA GLU B 347 1.57 -13.39 30.27
C GLU B 347 0.65 -12.47 31.06
N THR B 348 -0.42 -13.03 31.61
CA THR B 348 -1.40 -12.25 32.37
C THR B 348 -1.05 -12.23 33.85
N GLU B 349 0.03 -12.91 34.22
CA GLU B 349 0.49 -12.93 35.60
C GLU B 349 0.93 -11.56 36.07
N LYS B 350 1.22 -10.68 35.12
CA LYS B 350 1.68 -9.33 35.43
C LYS B 350 0.63 -8.28 35.09
N MET C 1 -18.93 22.16 25.92
CA MET C 1 -20.14 22.57 25.19
C MET C 1 -20.37 21.67 23.99
N GLN C 2 -21.49 21.89 23.30
CA GLN C 2 -21.81 21.15 22.09
C GLN C 2 -21.08 21.78 20.90
N THR C 3 -20.39 20.95 20.12
CA THR C 3 -19.67 21.42 18.94
C THR C 3 -20.45 21.12 17.67
N ILE C 4 -21.37 22.03 17.31
CA ILE C 4 -22.19 21.87 16.11
C ILE C 4 -21.36 21.96 14.83
N LYS C 5 -21.46 20.93 13.99
CA LYS C 5 -20.68 20.87 12.77
C LYS C 5 -21.55 21.25 11.57
N CYS C 6 -21.22 22.39 10.96
CA CYS C 6 -22.05 23.02 9.93
C CYS C 6 -21.33 23.11 8.60
N VAL C 7 -21.97 22.57 7.56
CA VAL C 7 -21.36 22.41 6.25
C VAL C 7 -22.10 23.21 5.17
N VAL C 8 -21.36 23.99 4.39
CA VAL C 8 -21.98 24.90 3.42
C VAL C 8 -21.85 24.40 1.99
N VAL C 9 -22.96 23.93 1.42
CA VAL C 9 -22.96 23.41 0.06
C VAL C 9 -23.82 24.28 -0.86
N GLY C 10 -23.72 24.02 -2.17
CA GLY C 10 -24.40 24.80 -3.16
C GLY C 10 -23.46 25.11 -4.30
N ASP C 11 -24.02 25.60 -5.41
CA ASP C 11 -23.25 25.93 -6.60
C ASP C 11 -22.07 26.85 -6.31
N GLY C 12 -21.08 26.84 -7.19
CA GLY C 12 -20.00 27.78 -7.11
C GLY C 12 -20.50 29.16 -7.50
N ALA C 13 -19.78 30.19 -7.04
CA ALA C 13 -20.07 31.59 -7.35
C ALA C 13 -21.34 32.13 -6.73
N VAL C 14 -21.92 31.43 -5.76
CA VAL C 14 -23.08 31.98 -5.07
C VAL C 14 -22.71 32.68 -3.76
N GLY C 15 -21.44 32.63 -3.39
CA GLY C 15 -20.99 33.38 -2.24
C GLY C 15 -20.80 32.59 -0.96
N LYS C 16 -20.64 31.28 -1.09
CA LYS C 16 -20.46 30.40 0.08
C LYS C 16 -19.24 30.78 0.90
N THR C 17 -18.08 30.84 0.24
CA THR C 17 -16.82 31.21 0.90
C THR C 17 -16.92 32.60 1.50
N CYS C 18 -17.45 33.54 0.72
CA CYS C 18 -17.65 34.91 1.17
C CYS C 18 -18.52 34.97 2.42
N LEU C 19 -19.52 34.10 2.50
CA LEU C 19 -20.45 34.09 3.63
C LEU C 19 -19.69 33.73 4.91
N LEU C 20 -18.81 32.74 4.80
CA LEU C 20 -18.08 32.27 5.96
C LEU C 20 -17.03 33.28 6.42
N ILE C 21 -16.29 33.83 5.47
CA ILE C 21 -15.25 34.81 5.78
C ILE C 21 -15.86 36.04 6.42
N SER C 22 -16.89 36.57 5.78
CA SER C 22 -17.56 37.76 6.26
C SER C 22 -18.16 37.57 7.66
N TYR C 23 -18.40 36.33 8.05
CA TYR C 23 -19.04 36.07 9.35
C TYR C 23 -18.04 35.71 10.44
N THR C 24 -16.86 35.22 10.07
CA THR C 24 -15.83 34.94 11.05
C THR C 24 -14.76 36.02 11.13
N THR C 25 -14.96 37.13 10.42
CA THR C 25 -14.07 38.27 10.54
C THR C 25 -14.85 39.56 10.81
N ASN C 26 -16.19 39.44 10.86
CA ASN C 26 -17.09 40.57 11.01
C ASN C 26 -17.04 41.60 9.88
N LYS C 27 -16.08 41.43 8.98
CA LYS C 27 -15.88 42.36 7.87
C LYS C 27 -15.99 41.64 6.53
N PHE C 28 -16.92 42.09 5.71
CA PHE C 28 -17.07 41.58 4.35
C PHE C 28 -15.77 41.79 3.58
N PRO C 29 -15.42 40.84 2.70
CA PRO C 29 -14.20 40.94 1.89
C PRO C 29 -14.16 42.22 1.05
N GLU C 31 -11.76 44.15 -0.89
CA GLU C 31 -11.08 44.41 -2.16
C GLU C 31 -10.91 43.12 -2.97
N TYR C 32 -10.70 42.01 -2.27
CA TYR C 32 -10.54 40.72 -2.92
C TYR C 32 -11.19 39.62 -2.08
N VAL C 33 -11.92 38.73 -2.75
CA VAL C 33 -12.49 37.58 -2.08
C VAL C 33 -11.46 36.45 -2.04
N PRO C 34 -11.02 36.06 -0.83
CA PRO C 34 -10.10 34.93 -0.69
C PRO C 34 -10.76 33.68 -1.27
N THR C 35 -10.01 32.95 -2.10
CA THR C 35 -10.50 31.68 -2.62
C THR C 35 -10.62 30.65 -1.49
N VAL C 36 -10.02 30.97 -0.34
CA VAL C 36 -9.81 30.01 0.72
C VAL C 36 -10.31 30.45 2.09
N PHE C 37 -11.37 29.80 2.56
CA PHE C 37 -11.80 29.95 3.96
C PHE C 37 -11.06 28.95 4.83
N ASP C 38 -10.36 29.46 5.84
CA ASP C 38 -9.61 28.61 6.75
C ASP C 38 -9.84 28.99 8.20
N ASN C 39 -11.00 28.65 8.75
CA ASN C 39 -11.30 28.96 10.14
C ASN C 39 -12.41 28.09 10.72
N TYR C 40 -12.08 26.81 10.88
CA TYR C 40 -13.03 25.79 11.32
C TYR C 40 -13.86 26.12 12.59
N ALA C 41 -13.20 26.44 13.70
CA ALA C 41 -13.95 26.61 14.96
C ALA C 41 -14.13 28.05 15.42
N VAL C 42 -15.37 28.40 15.75
CA VAL C 42 -15.71 29.67 16.39
C VAL C 42 -16.70 29.44 17.54
N THR C 43 -16.49 30.16 18.65
CA THR C 43 -17.41 30.10 19.78
C THR C 43 -18.50 31.16 19.59
N VAL C 44 -19.75 30.76 19.75
CA VAL C 44 -20.86 31.65 19.46
C VAL C 44 -21.89 31.70 20.58
N MET C 45 -22.27 32.91 20.97
CA MET C 45 -23.26 33.13 22.04
C MET C 45 -24.69 33.20 21.49
N ILE C 46 -25.59 32.38 22.02
CA ILE C 46 -26.99 32.43 21.62
C ILE C 46 -27.92 32.45 22.83
N GLY C 47 -28.40 33.66 23.16
CA GLY C 47 -29.34 33.84 24.25
C GLY C 47 -28.87 33.30 25.60
N GLY C 48 -27.66 33.67 25.99
CA GLY C 48 -27.14 33.28 27.29
C GLY C 48 -26.30 32.00 27.28
N GLU C 49 -26.33 31.28 26.16
CA GLU C 49 -25.53 30.06 26.04
C GLU C 49 -24.44 30.16 25.00
N PRO C 50 -23.20 29.80 25.38
CA PRO C 50 -22.10 29.65 24.43
C PRO C 50 -22.24 28.34 23.64
N TYR C 51 -21.73 28.32 22.41
CA TYR C 51 -21.79 27.14 21.55
C TYR C 51 -20.57 27.13 20.66
N THR C 52 -20.05 25.95 20.35
CA THR C 52 -18.94 25.86 19.38
C THR C 52 -19.45 25.42 18.01
N LEU C 53 -19.16 26.22 16.99
CA LEU C 53 -19.53 25.92 15.61
C LEU C 53 -18.29 25.40 14.89
N GLY C 54 -18.45 24.32 14.15
CA GLY C 54 -17.41 23.88 13.24
C GLY C 54 -17.84 24.12 11.81
N LEU C 55 -17.22 25.11 11.15
CA LEU C 55 -17.59 25.49 9.79
C LEU C 55 -16.72 24.82 8.74
N ARG C 56 -17.37 24.28 7.72
CA ARG C 56 -16.69 23.54 6.67
C ARG C 56 -17.10 24.09 5.30
N ASP C 57 -16.15 24.63 4.55
CA ASP C 57 -16.41 25.08 3.19
C ASP C 57 -16.31 23.89 2.22
N THR C 58 -16.97 23.99 1.07
CA THR C 58 -16.86 22.94 0.07
C THR C 58 -16.42 23.48 -1.29
N ALA C 59 -15.94 24.72 -1.31
CA ALA C 59 -15.61 25.37 -2.57
C ALA C 59 -14.54 24.60 -3.32
N GLY C 60 -14.72 24.49 -4.63
CA GLY C 60 -13.76 23.78 -5.45
C GLY C 60 -14.15 22.34 -5.66
N GLN C 61 -15.07 21.86 -4.84
CA GLN C 61 -15.52 20.47 -4.88
C GLN C 61 -16.74 20.28 -5.79
N GLU C 62 -17.33 21.39 -6.24
CA GLU C 62 -18.66 21.36 -6.87
C GLU C 62 -18.81 20.42 -8.05
N ASP C 63 -17.79 20.38 -8.91
CA ASP C 63 -17.85 19.58 -10.13
C ASP C 63 -17.14 18.21 -10.02
N TYR C 64 -17.09 17.66 -8.81
CA TYR C 64 -16.40 16.39 -8.59
C TYR C 64 -17.25 15.45 -7.72
N ASP C 65 -18.01 14.60 -8.40
CA ASP C 65 -19.14 13.88 -7.80
C ASP C 65 -18.74 12.89 -6.71
N ARG C 66 -17.51 12.40 -6.76
CA ARG C 66 -17.05 11.46 -5.74
C ARG C 66 -16.30 12.17 -4.62
N LEU C 67 -15.88 13.41 -4.89
CA LEU C 67 -15.16 14.20 -3.90
C LEU C 67 -16.10 14.96 -2.97
N ARG C 68 -17.17 15.55 -3.53
CA ARG C 68 -18.18 16.24 -2.73
C ARG C 68 -18.61 15.44 -1.51
N PRO C 69 -18.99 14.17 -1.71
CA PRO C 69 -19.60 13.51 -0.54
C PRO C 69 -18.63 13.15 0.57
N LEU C 70 -17.32 13.22 0.31
CA LEU C 70 -16.36 13.01 1.40
C LEU C 70 -16.51 14.09 2.47
N SER C 71 -17.14 15.20 2.11
CA SER C 71 -17.39 16.32 3.04
C SER C 71 -18.70 16.21 3.84
N TYR C 72 -19.54 15.23 3.51
CA TYR C 72 -20.85 15.09 4.15
C TYR C 72 -20.91 14.41 5.54
N PRO C 73 -20.13 13.32 5.75
CA PRO C 73 -20.20 12.67 7.06
C PRO C 73 -19.72 13.58 8.17
N GLN C 74 -20.11 13.28 9.42
CA GLN C 74 -19.84 14.15 10.57
C GLN C 74 -20.39 15.56 10.33
N THR C 75 -21.71 15.65 10.23
CA THR C 75 -22.37 16.93 9.97
C THR C 75 -23.66 17.04 10.78
N ASP C 76 -23.80 18.12 11.54
CA ASP C 76 -24.99 18.32 12.34
C ASP C 76 -26.04 19.20 11.64
N VAL C 77 -25.60 20.03 10.70
CA VAL C 77 -26.50 20.89 9.96
C VAL C 77 -25.87 21.27 8.63
N PHE C 78 -26.68 21.25 7.58
CA PHE C 78 -26.25 21.71 6.27
C PHE C 78 -26.86 23.08 5.99
N LEU C 79 -26.09 23.95 5.35
CA LEU C 79 -26.62 25.15 4.73
C LEU C 79 -26.56 24.99 3.22
N VAL C 80 -27.71 24.81 2.58
CA VAL C 80 -27.76 24.73 1.13
C VAL C 80 -27.93 26.14 0.57
N CYS C 81 -26.89 26.64 -0.09
CA CYS C 81 -26.89 28.03 -0.55
C CYS C 81 -27.23 28.19 -2.04
N PHE C 82 -27.93 29.28 -2.35
CA PHE C 82 -28.10 29.68 -3.74
C PHE C 82 -28.10 31.20 -3.74
N SER C 83 -27.70 31.80 -4.85
CA SER C 83 -27.79 33.25 -5.01
C SER C 83 -29.17 33.64 -5.49
N VAL C 84 -29.86 34.46 -4.69
CA VAL C 84 -31.21 34.92 -5.03
C VAL C 84 -31.22 35.68 -6.35
N VAL C 85 -30.04 36.00 -6.86
CA VAL C 85 -29.88 36.71 -8.12
C VAL C 85 -29.34 35.77 -9.21
N SER C 86 -29.35 34.48 -8.91
CA SER C 86 -28.98 33.46 -9.89
C SER C 86 -29.97 32.29 -9.92
N PRO C 87 -30.89 32.29 -10.89
CA PRO C 87 -31.90 31.23 -11.04
C PRO C 87 -31.33 29.83 -11.27
N SER C 88 -30.21 29.71 -11.97
CA SER C 88 -29.62 28.38 -12.18
C SER C 88 -29.16 27.80 -10.85
N SER C 89 -28.62 28.66 -9.99
CA SER C 89 -28.16 28.20 -8.67
C SER C 89 -29.35 27.73 -7.85
N PHE C 90 -30.48 28.40 -8.04
CA PHE C 90 -31.70 28.06 -7.33
C PHE C 90 -32.28 26.72 -7.79
N GLU C 91 -32.26 26.47 -9.09
CA GLU C 91 -32.77 25.21 -9.63
C GLU C 91 -31.93 24.03 -9.14
N ASN C 92 -30.64 24.27 -9.00
CA ASN C 92 -29.72 23.23 -8.54
C ASN C 92 -29.96 22.78 -7.11
N VAL C 93 -30.58 23.64 -6.31
CA VAL C 93 -30.97 23.29 -4.96
C VAL C 93 -31.84 22.04 -5.02
N LYS C 94 -32.75 22.01 -5.98
CA LYS C 94 -33.70 20.91 -6.05
C LYS C 94 -33.27 19.79 -7.00
N GLU C 95 -32.44 20.13 -7.99
CA GLU C 95 -32.01 19.14 -8.97
C GLU C 95 -30.72 18.41 -8.55
N LYS C 96 -29.97 19.00 -7.63
CA LYS C 96 -28.66 18.47 -7.29
C LYS C 96 -28.33 18.40 -5.79
N TRP C 97 -28.52 19.50 -5.08
CA TRP C 97 -27.98 19.62 -3.72
C TRP C 97 -28.80 18.94 -2.64
N VAL C 98 -30.09 19.21 -2.62
CA VAL C 98 -30.96 18.53 -1.67
C VAL C 98 -31.03 17.01 -1.88
N PRO C 99 -31.14 16.53 -3.14
CA PRO C 99 -31.13 15.07 -3.29
C PRO C 99 -29.84 14.42 -2.79
N GLU C 100 -28.73 15.12 -2.97
CA GLU C 100 -27.43 14.58 -2.61
C GLU C 100 -27.21 14.48 -1.09
N ILE C 101 -27.54 15.53 -0.35
CA ILE C 101 -27.36 15.50 1.10
C ILE C 101 -28.45 14.66 1.79
N THR C 102 -29.57 14.48 1.11
CA THR C 102 -30.65 13.65 1.63
C THR C 102 -30.32 12.16 1.44
N HIS C 103 -29.60 11.86 0.38
CA HIS C 103 -29.10 10.50 0.15
C HIS C 103 -28.04 10.09 1.19
N HIS C 104 -27.00 10.90 1.33
CA HIS C 104 -25.86 10.57 2.19
C HIS C 104 -26.15 10.76 3.66
N CYS C 105 -26.94 11.80 3.97
CA CYS C 105 -27.23 12.15 5.35
C CYS C 105 -28.72 12.37 5.59
N PRO C 106 -29.52 11.32 5.45
CA PRO C 106 -30.99 11.43 5.45
C PRO C 106 -31.57 12.01 6.75
N LYS C 107 -30.91 11.82 7.88
CA LYS C 107 -31.43 12.30 9.15
C LYS C 107 -30.87 13.67 9.56
N THR C 108 -30.10 14.29 8.68
CA THR C 108 -29.48 15.58 9.00
C THR C 108 -30.37 16.76 8.61
N PRO C 109 -30.62 17.66 9.56
CA PRO C 109 -31.43 18.86 9.26
C PRO C 109 -30.69 19.79 8.30
N PHE C 110 -31.41 20.61 7.55
CA PHE C 110 -30.76 21.56 6.66
C PHE C 110 -31.58 22.81 6.44
N LEU C 111 -30.91 23.96 6.36
CA LEU C 111 -31.58 25.21 6.01
C LEU C 111 -31.35 25.52 4.53
N LEU C 112 -32.34 26.16 3.92
CA LEU C 112 -32.20 26.76 2.60
C LEU C 112 -31.71 28.18 2.85
N VAL C 113 -30.57 28.55 2.27
CA VAL C 113 -30.00 29.87 2.53
C VAL C 113 -29.86 30.66 1.25
N GLY C 114 -30.78 31.62 1.05
CA GLY C 114 -30.73 32.53 -0.09
C GLY C 114 -29.63 33.53 0.15
N THR C 115 -28.97 33.94 -0.92
CA THR C 115 -27.70 34.66 -0.75
C THR C 115 -27.62 35.90 -1.64
N GLN C 116 -26.69 36.79 -1.31
CA GLN C 116 -26.41 37.97 -2.12
C GLN C 116 -27.59 38.93 -2.29
N ILE C 117 -28.40 39.07 -1.23
CA ILE C 117 -29.55 39.97 -1.20
C ILE C 117 -29.29 41.35 -1.78
N ASP C 118 -28.15 41.92 -1.40
CA ASP C 118 -27.79 43.28 -1.76
C ASP C 118 -27.75 43.51 -3.27
N LEU C 119 -27.97 42.46 -4.06
CA LEU C 119 -27.99 42.55 -5.52
C LEU C 119 -29.40 42.40 -6.07
N ARG C 120 -30.35 42.07 -5.20
CA ARG C 120 -31.73 41.88 -5.63
C ARG C 120 -32.30 43.20 -6.16
N ASP C 121 -31.69 44.31 -5.77
CA ASP C 121 -32.20 45.64 -6.09
C ASP C 121 -31.18 46.46 -6.88
N ASP C 122 -30.02 45.88 -7.18
CA ASP C 122 -29.03 46.53 -8.05
C ASP C 122 -29.57 46.59 -9.47
N PRO C 123 -29.78 47.80 -10.00
CA PRO C 123 -30.40 47.99 -11.32
C PRO C 123 -29.76 47.13 -12.41
N SER C 124 -28.44 47.18 -12.53
CA SER C 124 -27.76 46.47 -13.61
C SER C 124 -27.97 44.97 -13.47
N THR C 125 -28.12 44.51 -12.22
CA THR C 125 -28.35 43.10 -11.95
C THR C 125 -29.75 42.67 -12.37
N ILE C 126 -30.75 43.49 -12.07
CA ILE C 126 -32.10 43.20 -12.56
C ILE C 126 -32.16 43.30 -14.09
N GLU C 127 -31.23 44.05 -14.67
CA GLU C 127 -31.18 44.21 -16.12
C GLU C 127 -30.59 43.00 -16.84
N LYS C 128 -29.48 42.47 -16.33
CA LYS C 128 -28.86 41.30 -16.94
C LYS C 128 -29.83 40.12 -16.90
N LEU C 129 -30.56 40.00 -15.80
CA LEU C 129 -31.55 38.94 -15.68
C LEU C 129 -32.70 39.16 -16.67
N ALA C 130 -33.15 40.41 -16.79
CA ALA C 130 -34.25 40.75 -17.70
C ALA C 130 -33.88 40.47 -19.16
N LYS C 131 -32.64 40.81 -19.53
CA LYS C 131 -32.14 40.57 -20.88
C LYS C 131 -32.13 39.08 -21.19
N ASN C 132 -32.13 38.26 -20.14
CA ASN C 132 -32.11 36.82 -20.30
C ASN C 132 -33.43 36.19 -19.89
N LYS C 133 -34.46 37.02 -19.81
CA LYS C 133 -35.82 36.56 -19.51
C LYS C 133 -35.95 35.85 -18.16
N GLN C 134 -35.18 36.31 -17.18
CA GLN C 134 -35.29 35.78 -15.82
C GLN C 134 -35.37 36.93 -14.81
N LYS C 135 -35.76 36.61 -13.59
CA LYS C 135 -35.88 37.62 -12.54
C LYS C 135 -35.30 37.07 -11.23
N PRO C 136 -34.85 37.96 -10.33
CA PRO C 136 -34.34 37.49 -9.04
C PRO C 136 -35.41 36.71 -8.27
N ILE C 137 -34.96 35.83 -7.38
CA ILE C 137 -35.85 34.93 -6.66
C ILE C 137 -36.57 35.62 -5.51
N THR C 138 -37.90 35.55 -5.52
CA THR C 138 -38.70 36.09 -4.42
C THR C 138 -38.52 35.24 -3.19
N PRO C 139 -38.39 35.89 -2.02
CA PRO C 139 -38.41 35.21 -0.72
C PRO C 139 -39.61 34.29 -0.58
N GLU C 140 -40.72 34.65 -1.22
CA GLU C 140 -41.90 33.82 -1.22
C GLU C 140 -41.65 32.53 -2.00
N THR C 141 -41.02 32.67 -3.16
CA THR C 141 -40.65 31.52 -3.98
C THR C 141 -39.75 30.58 -3.17
N ALA C 142 -38.79 31.18 -2.47
CA ALA C 142 -37.82 30.43 -1.68
C ALA C 142 -38.46 29.68 -0.51
N GLU C 143 -39.41 30.31 0.16
CA GLU C 143 -40.05 29.69 1.31
C GLU C 143 -40.84 28.46 0.90
N LYS C 144 -41.31 28.45 -0.34
CA LYS C 144 -42.11 27.35 -0.86
C LYS C 144 -41.22 26.14 -1.17
N LEU C 145 -40.12 26.40 -1.85
CA LEU C 145 -39.15 25.34 -2.14
C LEU C 145 -38.65 24.76 -0.82
N ALA C 146 -38.52 25.62 0.18
CA ALA C 146 -38.10 25.21 1.53
C ALA C 146 -39.09 24.21 2.14
N ARG C 147 -40.38 24.51 2.01
CA ARG C 147 -41.42 23.61 2.51
C ARG C 147 -41.50 22.33 1.69
N ASP C 148 -41.35 22.45 0.38
CA ASP C 148 -41.43 21.31 -0.53
C ASP C 148 -40.28 20.33 -0.33
N LEU C 149 -39.09 20.86 -0.06
CA LEU C 149 -37.88 20.03 0.03
C LEU C 149 -37.59 19.56 1.45
N LYS C 150 -38.51 19.87 2.36
CA LYS C 150 -38.41 19.46 3.76
C LYS C 150 -37.36 20.22 4.56
N ALA C 151 -36.92 21.36 4.03
CA ALA C 151 -35.93 22.20 4.72
C ALA C 151 -36.49 22.66 6.05
N VAL C 152 -35.60 22.82 7.03
CA VAL C 152 -35.99 23.31 8.35
C VAL C 152 -36.65 24.69 8.21
N LYS C 153 -36.04 25.57 7.42
CA LYS C 153 -36.58 26.88 7.13
C LYS C 153 -35.72 27.61 6.10
N TYR C 154 -36.24 28.70 5.55
CA TYR C 154 -35.48 29.52 4.62
C TYR C 154 -34.93 30.76 5.31
N VAL C 155 -33.71 31.18 4.93
CA VAL C 155 -33.10 32.40 5.47
C VAL C 155 -32.31 33.11 4.38
N GLU C 156 -32.15 34.42 4.51
CA GLU C 156 -31.40 35.21 3.53
C GLU C 156 -30.36 36.05 4.21
N CYS C 157 -29.35 36.44 3.43
CA CYS C 157 -28.30 37.29 3.96
C CYS C 157 -27.50 37.97 2.85
N SER C 158 -26.69 38.94 3.25
CA SER C 158 -25.68 39.51 2.37
C SER C 158 -24.34 39.51 3.09
N ALA C 159 -23.41 38.69 2.61
CA ALA C 159 -22.06 38.71 3.13
C ALA C 159 -21.51 40.12 3.13
N LEU C 160 -21.83 40.89 2.09
CA LEU C 160 -21.31 42.25 1.94
C LEU C 160 -21.92 43.27 2.88
N THR C 161 -23.20 43.13 3.15
CA THR C 161 -23.92 44.06 4.02
C THR C 161 -24.02 43.54 5.45
N GLN C 162 -23.98 42.20 5.58
CA GLN C 162 -24.10 41.49 6.86
C GLN C 162 -25.53 41.42 7.37
N LYS C 163 -26.45 42.04 6.64
CA LYS C 163 -27.87 41.87 6.91
C LYS C 163 -28.24 40.40 6.84
N GLY C 164 -28.78 39.88 7.93
CA GLY C 164 -29.24 38.51 7.99
C GLY C 164 -28.13 37.51 8.28
N LEU C 165 -26.89 37.97 8.22
CA LEU C 165 -25.74 37.08 8.31
C LEU C 165 -25.69 36.39 9.67
N LYS C 166 -25.67 37.19 10.74
CA LYS C 166 -25.68 36.65 12.10
C LYS C 166 -26.91 35.77 12.35
N ASN C 167 -27.99 36.01 11.62
CA ASN C 167 -29.19 35.20 11.80
C ASN C 167 -29.09 33.82 11.15
N VAL C 168 -28.34 33.71 10.06
CA VAL C 168 -28.18 32.44 9.37
C VAL C 168 -27.59 31.37 10.29
N PHE C 169 -26.54 31.74 11.03
CA PHE C 169 -25.82 30.77 11.86
C PHE C 169 -26.48 30.44 13.20
N ASP C 170 -27.25 31.39 13.75
CA ASP C 170 -28.04 31.12 14.94
C ASP C 170 -29.09 30.08 14.60
N GLU C 171 -29.73 30.27 13.44
CA GLU C 171 -30.74 29.32 12.97
C GLU C 171 -30.13 27.96 12.64
N ALA C 172 -28.88 27.97 12.20
CA ALA C 172 -28.15 26.73 11.94
C ALA C 172 -27.96 25.97 13.24
N ILE C 173 -27.50 26.68 14.25
CA ILE C 173 -27.26 26.10 15.56
C ILE C 173 -28.56 25.55 16.15
N LEU C 174 -29.61 26.34 16.12
CA LEU C 174 -30.90 25.91 16.66
C LEU C 174 -31.49 24.69 15.92
N ALA C 175 -31.17 24.57 14.65
CA ALA C 175 -31.64 23.42 13.88
C ALA C 175 -30.88 22.15 14.26
N ALA C 176 -29.66 22.31 14.77
CA ALA C 176 -28.82 21.18 15.09
C ALA C 176 -29.16 20.58 16.45
N LEU C 177 -29.74 21.40 17.31
CA LEU C 177 -30.08 20.97 18.66
C LEU C 177 -31.42 20.23 18.70
N GLU C 178 -32.38 20.74 17.94
CA GLU C 178 -33.69 20.11 17.86
C GLU C 178 -33.68 18.98 16.85
N ASP D 1 5.11 51.42 -6.15
CA ASP D 1 4.10 50.40 -5.98
C ASP D 1 2.76 50.84 -6.62
N MET D 2 2.85 51.33 -7.85
CA MET D 2 1.67 51.80 -8.59
C MET D 2 0.88 50.64 -9.23
N LEU D 3 -0.10 50.13 -8.50
CA LEU D 3 -0.88 49.01 -9.00
C LEU D 3 -2.31 49.43 -9.25
N THR D 4 -2.84 48.96 -10.38
CA THR D 4 -4.26 49.08 -10.66
C THR D 4 -4.95 48.02 -9.82
N PRO D 5 -6.28 48.18 -9.60
CA PRO D 5 -7.03 47.15 -8.87
C PRO D 5 -6.84 45.73 -9.41
N THR D 6 -6.45 45.61 -10.68
CA THR D 6 -6.19 44.32 -11.31
C THR D 6 -4.81 43.76 -10.94
N GLU D 7 -3.77 44.54 -11.20
CA GLU D 7 -2.42 44.12 -10.83
C GLU D 7 -2.34 43.82 -9.33
N ARG D 8 -3.12 44.56 -8.55
CA ARG D 8 -3.17 44.40 -7.11
C ARG D 8 -3.93 43.12 -6.72
N LYS D 9 -5.04 42.85 -7.40
CA LYS D 9 -5.75 41.60 -7.17
C LYS D 9 -4.82 40.42 -7.47
N ARG D 10 -3.95 40.60 -8.47
CA ARG D 10 -3.02 39.56 -8.86
C ARG D 10 -1.99 39.26 -7.77
N GLN D 11 -1.38 40.32 -7.22
CA GLN D 11 -0.41 40.14 -6.15
C GLN D 11 -1.04 39.57 -4.89
N GLY D 12 -2.31 39.92 -4.66
CA GLY D 12 -3.03 39.45 -3.49
C GLY D 12 -3.32 37.95 -3.55
N TYR D 13 -3.75 37.49 -4.72
CA TYR D 13 -3.99 36.07 -4.93
C TYR D 13 -2.68 35.26 -4.92
N ILE D 14 -1.58 35.85 -5.39
CA ILE D 14 -0.28 35.19 -5.23
C ILE D 14 0.10 35.08 -3.75
N HIS D 15 -0.10 36.17 -3.01
CA HIS D 15 0.15 36.18 -1.57
C HIS D 15 -0.64 35.08 -0.88
N GLU D 16 -1.91 34.94 -1.27
CA GLU D 16 -2.77 33.93 -0.67
C GLU D 16 -2.26 32.54 -0.99
N LEU D 17 -1.76 32.36 -2.22
CA LEU D 17 -1.18 31.08 -2.60
C LEU D 17 -0.13 30.65 -1.57
N ILE D 18 0.86 31.50 -1.35
CA ILE D 18 1.99 31.17 -0.49
C ILE D 18 1.57 30.99 0.97
N VAL D 19 0.84 31.97 1.48
CA VAL D 19 0.38 31.93 2.87
C VAL D 19 -0.45 30.68 3.18
N THR D 20 -1.38 30.31 2.30
CA THR D 20 -2.16 29.11 2.52
C THR D 20 -1.37 27.83 2.27
N GLU D 21 -0.27 27.91 1.53
CA GLU D 21 0.60 26.75 1.39
C GLU D 21 1.42 26.56 2.68
N GLU D 22 1.99 27.66 3.18
CA GLU D 22 2.63 27.68 4.49
C GLU D 22 1.71 27.08 5.56
N ASN D 23 0.47 27.56 5.61
CA ASN D 23 -0.49 27.05 6.59
C ASN D 23 -0.76 25.56 6.41
N TYR D 24 -0.95 25.18 5.15
CA TYR D 24 -1.26 23.79 4.81
C TYR D 24 -0.13 22.85 5.20
N VAL D 25 1.10 23.22 4.87
CA VAL D 25 2.25 22.37 5.13
C VAL D 25 2.40 22.19 6.62
N ASN D 26 2.23 23.28 7.36
CA ASN D 26 2.27 23.26 8.82
C ASN D 26 1.17 22.39 9.41
N ASP D 27 -0.03 22.43 8.82
CA ASP D 27 -1.14 21.57 9.23
C ASP D 27 -0.86 20.09 8.95
N LEU D 28 -0.21 19.80 7.82
CA LEU D 28 0.11 18.43 7.49
C LEU D 28 1.08 17.87 8.52
N GLN D 29 2.01 18.71 8.92
CA GLN D 29 3.03 18.30 9.88
C GLN D 29 2.46 18.16 11.29
N LEU D 30 1.56 19.07 11.67
CA LEU D 30 0.89 18.98 12.96
C LEU D 30 0.22 17.62 13.14
N VAL D 31 -0.43 17.15 12.09
CA VAL D 31 -1.17 15.90 12.12
C VAL D 31 -0.25 14.74 12.42
N THR D 32 0.92 14.73 11.78
CA THR D 32 1.89 13.67 11.97
C THR D 32 2.42 13.70 13.41
N GLU D 33 2.62 14.91 13.92
CA GLU D 33 3.17 15.07 15.26
C GLU D 33 2.18 14.71 16.36
N ILE D 34 0.96 15.25 16.27
CA ILE D 34 0.03 15.10 17.39
C ILE D 34 -0.95 13.95 17.25
N PHE D 35 -1.12 13.44 16.04
CA PHE D 35 -2.06 12.33 15.83
C PHE D 35 -1.41 11.01 15.41
N GLN D 36 -0.65 11.03 14.31
CA GLN D 36 -0.10 9.80 13.76
C GLN D 36 0.86 9.08 14.70
N LYS D 37 2.01 9.70 14.98
CA LYS D 37 3.00 9.11 15.88
C LYS D 37 2.38 8.57 17.19
N PRO D 38 1.58 9.39 17.91
CA PRO D 38 1.02 8.85 19.14
C PRO D 38 0.08 7.65 18.93
N LEU D 39 -0.76 7.70 17.91
CA LEU D 39 -1.68 6.60 17.66
C LEU D 39 -0.93 5.31 17.34
N MET D 40 0.18 5.43 16.62
CA MET D 40 0.98 4.26 16.28
C MET D 40 1.65 3.66 17.52
N GLU D 41 2.21 4.54 18.36
CA GLU D 41 2.89 4.12 19.58
C GLU D 41 1.91 3.56 20.61
N SER D 42 0.63 3.90 20.48
CA SER D 42 -0.36 3.59 21.51
C SER D 42 -0.56 2.09 21.73
N GLU D 43 -0.23 1.30 20.70
CA GLU D 43 -0.52 -0.14 20.68
C GLU D 43 -2.03 -0.42 20.63
N LEU D 44 -2.83 0.64 20.49
CA LEU D 44 -4.27 0.53 20.38
C LEU D 44 -4.65 -0.05 19.01
N LEU D 45 -4.00 0.46 17.96
CA LEU D 45 -4.26 -0.01 16.60
C LEU D 45 -3.15 -0.91 16.12
N THR D 46 -3.40 -1.62 15.03
CA THR D 46 -2.34 -2.38 14.36
C THR D 46 -1.65 -1.52 13.32
N GLU D 47 -0.57 -2.04 12.76
CA GLU D 47 0.16 -1.35 11.71
C GLU D 47 -0.73 -1.19 10.48
N LYS D 48 -1.60 -2.17 10.26
CA LYS D 48 -2.53 -2.09 9.14
C LYS D 48 -3.56 -0.99 9.37
N GLU D 49 -4.08 -0.93 10.58
CA GLU D 49 -5.09 0.04 10.94
C GLU D 49 -4.57 1.48 10.87
N VAL D 50 -3.37 1.68 11.37
CA VAL D 50 -2.73 3.00 11.28
C VAL D 50 -2.53 3.45 9.83
N ALA D 51 -2.17 2.51 8.96
CA ALA D 51 -1.96 2.84 7.56
C ALA D 51 -3.27 3.08 6.80
N MET D 52 -4.35 2.47 7.26
CA MET D 52 -5.65 2.69 6.64
C MET D 52 -6.17 4.11 6.91
N ILE D 53 -5.68 4.73 7.98
CA ILE D 53 -6.08 6.08 8.33
C ILE D 53 -5.21 7.15 7.65
N PHE D 54 -3.89 7.01 7.76
CA PHE D 54 -2.98 8.06 7.30
C PHE D 54 -2.36 7.83 5.93
N VAL D 55 -2.43 6.59 5.45
CA VAL D 55 -1.95 6.24 4.10
C VAL D 55 -0.59 6.87 3.78
N ASN D 56 -0.52 7.65 2.71
CA ASN D 56 0.76 8.21 2.29
C ASN D 56 0.95 9.65 2.74
N TRP D 57 0.34 10.00 3.86
CA TRP D 57 0.49 11.32 4.48
C TRP D 57 1.92 11.85 4.40
N LYS D 58 2.89 10.97 4.68
CA LYS D 58 4.30 11.34 4.58
C LYS D 58 4.70 11.76 3.15
N GLU D 59 4.19 11.05 2.15
CA GLU D 59 4.46 11.42 0.76
C GLU D 59 3.91 12.82 0.47
N LEU D 60 2.75 13.12 1.03
CA LEU D 60 2.10 14.42 0.81
C LEU D 60 2.93 15.56 1.38
N ILE D 61 3.48 15.35 2.57
CA ILE D 61 4.33 16.34 3.20
C ILE D 61 5.51 16.63 2.29
N MET D 62 6.15 15.57 1.81
CA MET D 62 7.35 15.73 0.99
C MET D 62 7.11 16.52 -0.29
N CYS D 63 5.98 16.31 -0.95
CA CYS D 63 5.76 16.98 -2.22
C CYS D 63 5.31 18.41 -2.01
N ASN D 64 4.52 18.65 -0.98
CA ASN D 64 4.10 20.02 -0.70
C ASN D 64 5.25 20.86 -0.19
N ILE D 65 6.07 20.28 0.69
CA ILE D 65 7.30 20.94 1.15
C ILE D 65 8.12 21.37 -0.06
N LYS D 66 8.10 20.56 -1.11
CA LYS D 66 8.82 20.90 -2.31
C LYS D 66 8.24 22.16 -2.96
N LEU D 67 6.91 22.21 -3.10
CA LEU D 67 6.27 23.37 -3.70
C LEU D 67 6.60 24.61 -2.88
N LEU D 68 6.46 24.49 -1.55
CA LEU D 68 6.63 25.64 -0.65
C LEU D 68 8.01 26.28 -0.77
N LYS D 69 9.04 25.44 -0.76
CA LYS D 69 10.42 25.94 -0.85
C LYS D 69 10.64 26.71 -2.15
N ALA D 70 10.07 26.22 -3.26
CA ALA D 70 10.21 26.90 -4.54
C ALA D 70 9.40 28.20 -4.59
N LEU D 71 8.25 28.19 -3.91
CA LEU D 71 7.45 29.40 -3.76
C LEU D 71 8.22 30.43 -2.92
N ARG D 72 8.82 29.97 -1.83
CA ARG D 72 9.58 30.85 -0.96
C ARG D 72 10.76 31.48 -1.69
N VAL D 73 11.49 30.67 -2.45
CA VAL D 73 12.67 31.14 -3.19
C VAL D 73 12.30 32.19 -4.23
N ARG D 74 11.19 31.96 -4.94
CA ARG D 74 10.72 32.93 -5.92
C ARG D 74 10.35 34.26 -5.25
N LYS D 75 9.57 34.19 -4.18
CA LYS D 75 9.14 35.36 -3.45
C LYS D 75 10.34 36.18 -2.99
N LYS D 76 11.36 35.49 -2.46
CA LYS D 76 12.57 36.14 -1.96
C LYS D 76 13.30 36.82 -3.11
N MET D 77 13.23 36.22 -4.29
CA MET D 77 13.92 36.73 -5.46
C MET D 77 13.23 37.97 -6.00
N SER D 78 11.90 38.00 -5.86
CA SER D 78 11.10 39.11 -6.36
C SER D 78 11.46 40.42 -5.69
N GLY D 79 11.70 40.38 -4.39
CA GLY D 79 12.02 41.58 -3.63
C GLY D 79 11.07 41.78 -2.46
N GLU D 80 11.45 42.65 -1.54
CA GLU D 80 10.70 42.85 -0.30
C GLU D 80 9.28 43.38 -0.55
N LYS D 81 9.17 44.59 -1.09
CA LYS D 81 7.86 45.17 -1.38
C LYS D 81 7.59 45.15 -2.88
N MET D 82 8.44 44.43 -3.61
CA MET D 82 8.27 44.25 -5.05
C MET D 82 7.30 43.11 -5.37
N PRO D 83 6.61 43.19 -6.52
CA PRO D 83 5.59 42.20 -6.88
C PRO D 83 6.18 40.95 -7.53
N VAL D 84 5.62 39.78 -7.21
CA VAL D 84 6.06 38.55 -7.84
C VAL D 84 5.63 38.60 -9.29
N LYS D 85 6.60 38.65 -10.19
CA LYS D 85 6.33 38.78 -11.62
C LYS D 85 5.86 37.47 -12.23
N MET D 86 6.45 36.35 -11.81
CA MET D 86 6.06 35.03 -12.30
C MET D 86 5.89 34.03 -11.17
N ILE D 87 4.78 33.30 -11.18
CA ILE D 87 4.55 32.22 -10.22
C ILE D 87 4.08 30.97 -10.95
N GLY D 88 3.61 31.15 -12.19
CA GLY D 88 2.98 30.07 -12.92
C GLY D 88 3.94 28.97 -13.38
N ASP D 89 5.20 29.33 -13.62
CA ASP D 89 6.19 28.34 -14.01
C ASP D 89 6.37 27.30 -12.89
N ILE D 90 6.34 27.76 -11.64
CA ILE D 90 6.57 26.87 -10.51
C ILE D 90 5.45 25.84 -10.29
N LEU D 91 4.20 26.30 -10.41
CA LEU D 91 3.07 25.41 -10.25
C LEU D 91 3.01 24.40 -11.40
N SER D 92 3.29 24.88 -12.60
CA SER D 92 3.28 24.03 -13.80
C SER D 92 4.29 22.90 -13.64
N ALA D 93 5.42 23.19 -13.00
CA ALA D 93 6.46 22.18 -12.79
C ALA D 93 6.20 21.28 -11.59
N GLN D 94 5.53 21.81 -10.57
CA GLN D 94 5.32 21.10 -9.32
C GLN D 94 4.07 20.21 -9.28
N LEU D 95 3.00 20.65 -9.95
CA LEU D 95 1.75 19.89 -9.95
C LEU D 95 1.87 18.44 -10.49
N PRO D 96 2.69 18.22 -11.53
CA PRO D 96 2.90 16.80 -11.88
C PRO D 96 3.68 15.97 -10.86
N HIS D 97 4.18 16.59 -9.80
CA HIS D 97 4.83 15.85 -8.72
C HIS D 97 3.80 15.45 -7.68
N MET D 98 2.53 15.59 -8.01
CA MET D 98 1.47 15.52 -7.01
C MET D 98 0.52 14.33 -7.20
N GLN D 99 0.98 13.35 -7.95
CA GLN D 99 0.25 12.10 -8.06
C GLN D 99 -0.03 11.37 -6.72
N PRO D 100 0.76 11.62 -5.65
CA PRO D 100 0.38 10.91 -4.41
C PRO D 100 -0.99 11.31 -3.85
N TYR D 101 -1.52 12.45 -4.26
CA TYR D 101 -2.87 12.87 -3.84
C TYR D 101 -3.96 11.92 -4.29
N ILE D 102 -3.69 11.18 -5.37
CA ILE D 102 -4.67 10.24 -5.87
C ILE D 102 -4.77 9.04 -4.95
N ARG D 103 -3.62 8.51 -4.54
CA ARG D 103 -3.62 7.40 -3.61
C ARG D 103 -4.35 7.81 -2.33
N PHE D 104 -3.94 8.94 -1.75
CA PHE D 104 -4.51 9.35 -0.47
C PHE D 104 -6.02 9.52 -0.48
N CYS D 105 -6.53 10.31 -1.43
CA CYS D 105 -7.94 10.64 -1.42
C CYS D 105 -8.80 9.45 -1.79
N SER D 106 -8.21 8.50 -2.53
CA SER D 106 -8.97 7.33 -2.96
C SER D 106 -9.02 6.29 -1.85
N ARG D 107 -8.28 6.51 -0.78
CA ARG D 107 -8.27 5.59 0.34
C ARG D 107 -8.80 6.18 1.66
N GLN D 108 -9.02 7.50 1.68
CA GLN D 108 -9.38 8.18 2.92
C GLN D 108 -10.81 7.88 3.39
N LEU D 109 -11.60 7.24 2.53
CA LEU D 109 -12.96 6.90 2.90
C LEU D 109 -12.98 5.68 3.83
N ASN D 110 -12.16 4.68 3.53
CA ASN D 110 -12.00 3.51 4.39
C ASN D 110 -11.49 3.93 5.75
N GLY D 111 -10.58 4.89 5.76
CA GLY D 111 -10.01 5.41 6.99
C GLY D 111 -11.06 6.11 7.85
N ALA D 112 -11.87 6.93 7.19
CA ALA D 112 -12.96 7.63 7.86
C ALA D 112 -13.92 6.61 8.50
N ALA D 113 -14.18 5.52 7.79
CA ALA D 113 -15.00 4.44 8.33
C ALA D 113 -14.31 3.79 9.52
N LEU D 114 -13.05 3.41 9.32
CA LEU D 114 -12.26 2.75 10.35
C LEU D 114 -12.22 3.56 11.65
N ILE D 115 -12.04 4.87 11.53
CA ILE D 115 -12.03 5.77 12.68
C ILE D 115 -13.37 5.78 13.40
N GLN D 116 -14.45 5.82 12.63
CA GLN D 116 -15.80 5.88 13.19
C GLN D 116 -16.15 4.60 13.94
N GLN D 117 -15.82 3.46 13.34
CA GLN D 117 -16.07 2.16 13.95
C GLN D 117 -15.32 2.02 15.28
N LYS D 118 -14.04 2.33 15.27
CA LYS D 118 -13.22 2.21 16.47
C LYS D 118 -13.66 3.24 17.52
N THR D 119 -14.10 4.40 17.04
CA THR D 119 -14.62 5.46 17.90
C THR D 119 -15.78 4.95 18.74
N ASP D 120 -16.64 4.13 18.13
CA ASP D 120 -17.85 3.68 18.79
C ASP D 120 -17.73 2.34 19.51
N GLU D 121 -17.06 1.38 18.88
CA GLU D 121 -16.91 0.04 19.46
C GLU D 121 -15.91 0.04 20.64
N ALA D 122 -15.02 1.01 20.66
CA ALA D 122 -14.01 1.09 21.71
C ALA D 122 -13.91 2.50 22.26
N PRO D 123 -14.29 2.68 23.54
CA PRO D 123 -14.27 4.00 24.17
C PRO D 123 -12.85 4.44 24.53
N ASP D 124 -11.89 3.53 24.39
CA ASP D 124 -10.49 3.87 24.59
C ASP D 124 -10.02 4.78 23.45
N PHE D 125 -10.36 4.40 22.23
CA PHE D 125 -9.96 5.16 21.06
C PHE D 125 -10.61 6.54 21.08
N LYS D 126 -11.89 6.56 21.43
CA LYS D 126 -12.68 7.79 21.43
C LYS D 126 -12.04 8.86 22.31
N GLU D 127 -11.70 8.48 23.54
CA GLU D 127 -11.16 9.45 24.48
C GLU D 127 -9.70 9.80 24.19
N PHE D 128 -8.92 8.84 23.70
CA PHE D 128 -7.52 9.10 23.40
C PHE D 128 -7.37 10.10 22.24
N VAL D 129 -8.21 9.93 21.23
CA VAL D 129 -8.20 10.85 20.10
C VAL D 129 -8.69 12.23 20.53
N LYS D 130 -9.70 12.26 21.40
CA LYS D 130 -10.21 13.52 21.93
C LYS D 130 -9.14 14.23 22.76
N ARG D 131 -8.36 13.45 23.51
CA ARG D 131 -7.27 14.01 24.31
C ARG D 131 -6.15 14.61 23.45
N LEU D 132 -5.69 13.88 22.44
CA LEU D 132 -4.69 14.38 21.50
C LEU D 132 -5.12 15.71 20.84
N ALA D 133 -6.39 15.83 20.49
CA ALA D 133 -6.85 17.01 19.79
C ALA D 133 -6.92 18.26 20.69
N MET D 134 -6.71 18.08 21.99
CA MET D 134 -6.71 19.20 22.95
C MET D 134 -5.54 20.15 22.77
N ASP D 135 -4.47 19.70 22.11
CA ASP D 135 -3.34 20.56 21.78
C ASP D 135 -3.86 21.83 21.10
N PRO D 136 -3.48 23.01 21.60
CA PRO D 136 -4.01 24.26 21.07
C PRO D 136 -3.65 24.51 19.61
N ARG D 137 -2.61 23.86 19.11
CA ARG D 137 -2.26 23.99 17.69
C ARG D 137 -3.40 23.52 16.76
N CYS D 138 -4.27 22.66 17.27
CA CYS D 138 -5.40 22.14 16.50
C CYS D 138 -6.51 23.15 16.30
N LYS D 139 -6.52 24.18 17.15
CA LYS D 139 -7.59 25.18 17.13
C LYS D 139 -8.96 24.52 17.04
N GLY D 140 -9.20 23.53 17.89
CA GLY D 140 -10.51 22.92 18.02
C GLY D 140 -10.90 21.90 16.98
N MET D 141 -10.03 21.68 16.00
CA MET D 141 -10.32 20.70 14.95
C MET D 141 -10.00 19.27 15.37
N PRO D 142 -10.96 18.35 15.21
CA PRO D 142 -10.71 16.94 15.53
C PRO D 142 -10.01 16.22 14.38
N LEU D 143 -9.48 15.03 14.66
CA LEU D 143 -8.69 14.27 13.70
C LEU D 143 -9.39 14.10 12.36
N SER D 144 -10.65 13.66 12.40
CA SER D 144 -11.41 13.34 11.21
C SER D 144 -11.60 14.54 10.26
N GLU D 145 -11.42 15.74 10.78
CA GLU D 145 -11.52 16.94 9.96
C GLU D 145 -10.18 17.29 9.32
N PHE D 146 -9.09 16.96 10.01
CA PHE D 146 -7.76 17.13 9.44
C PHE D 146 -7.53 16.19 8.25
N ILE D 147 -8.13 15.00 8.31
CA ILE D 147 -7.99 14.01 7.25
C ILE D 147 -8.51 14.57 5.91
N LEU D 148 -9.46 15.51 5.97
CA LEU D 148 -10.04 16.10 4.78
C LEU D 148 -9.13 17.13 4.08
N LYS D 149 -8.08 17.57 4.76
CA LYS D 149 -7.25 18.64 4.22
C LYS D 149 -6.60 18.39 2.86
N PRO D 150 -6.11 17.17 2.61
CA PRO D 150 -5.52 16.98 1.27
C PRO D 150 -6.54 17.07 0.14
N MET D 151 -7.73 16.51 0.32
CA MET D 151 -8.78 16.69 -0.66
C MET D 151 -9.13 18.17 -0.83
N GLN D 152 -9.29 18.87 0.28
CA GLN D 152 -9.57 20.29 0.27
C GLN D 152 -8.46 21.06 -0.45
N ARG D 153 -7.23 20.61 -0.31
CA ARG D 153 -6.12 21.35 -0.89
C ARG D 153 -6.04 21.21 -2.42
N VAL D 154 -6.06 19.98 -2.95
CA VAL D 154 -6.01 19.83 -4.40
C VAL D 154 -7.16 20.54 -5.10
N THR D 155 -8.31 20.58 -4.44
CA THR D 155 -9.50 21.17 -5.05
C THR D 155 -9.44 22.71 -5.02
N ARG D 156 -8.56 23.26 -4.17
CA ARG D 156 -8.45 24.71 -4.06
C ARG D 156 -7.42 25.32 -5.01
N TYR D 157 -6.42 24.52 -5.40
CA TYR D 157 -5.45 24.96 -6.41
C TYR D 157 -6.06 25.57 -7.69
N PRO D 158 -7.08 24.91 -8.30
CA PRO D 158 -7.66 25.53 -9.49
C PRO D 158 -8.34 26.87 -9.21
N LEU D 159 -9.04 26.98 -8.09
CA LEU D 159 -9.65 28.26 -7.70
C LEU D 159 -8.61 29.36 -7.56
N ILE D 160 -7.51 29.06 -6.87
CA ILE D 160 -6.45 30.04 -6.63
C ILE D 160 -5.79 30.48 -7.91
N ILE D 161 -5.45 29.52 -8.77
CA ILE D 161 -4.76 29.82 -10.02
C ILE D 161 -5.67 30.59 -10.96
N LYS D 162 -6.94 30.17 -11.03
CA LYS D 162 -7.92 30.85 -11.86
C LYS D 162 -7.99 32.34 -11.49
N ASN D 163 -7.95 32.63 -10.19
CA ASN D 163 -8.02 34.02 -9.76
C ASN D 163 -6.74 34.79 -10.10
N ILE D 164 -5.61 34.11 -10.06
CA ILE D 164 -4.35 34.76 -10.41
C ILE D 164 -4.39 35.03 -11.91
N LEU D 165 -4.89 34.06 -12.66
CA LEU D 165 -4.94 34.14 -14.11
C LEU D 165 -5.87 35.25 -14.59
N GLU D 166 -7.09 35.28 -14.07
CA GLU D 166 -8.09 36.30 -14.41
C GLU D 166 -7.58 37.73 -14.20
N ASN D 167 -6.67 37.89 -13.26
CA ASN D 167 -6.05 39.18 -13.03
C ASN D 167 -4.63 39.21 -13.61
N THR D 168 -4.42 38.47 -14.68
CA THR D 168 -3.15 38.49 -15.39
C THR D 168 -3.39 38.62 -16.89
N PRO D 169 -3.05 39.79 -17.45
CA PRO D 169 -3.33 40.15 -18.86
C PRO D 169 -2.58 39.26 -19.86
N GLU D 170 -3.11 39.15 -21.07
CA GLU D 170 -2.63 38.15 -22.04
C GLU D 170 -1.16 38.30 -22.47
N ASN D 171 -0.65 39.53 -22.50
CA ASN D 171 0.76 39.73 -22.89
C ASN D 171 1.76 39.68 -21.72
N HIS D 172 1.28 39.25 -20.55
CA HIS D 172 2.11 39.16 -19.36
C HIS D 172 2.97 37.89 -19.42
N PRO D 173 4.21 37.97 -18.93
CA PRO D 173 5.12 36.80 -19.03
C PRO D 173 4.69 35.60 -18.18
N ASP D 174 3.60 35.72 -17.43
CA ASP D 174 3.14 34.65 -16.56
C ASP D 174 1.84 34.02 -17.07
N HIS D 175 1.26 34.63 -18.10
CA HIS D 175 -0.04 34.22 -18.58
C HIS D 175 -0.05 32.79 -19.12
N SER D 176 0.91 32.49 -19.99
CA SER D 176 0.99 31.16 -20.56
C SER D 176 1.24 30.12 -19.46
N HIS D 177 2.19 30.41 -18.58
CA HIS D 177 2.51 29.50 -17.48
C HIS D 177 1.27 29.21 -16.62
N LEU D 178 0.55 30.25 -16.26
CA LEU D 178 -0.68 30.10 -15.49
C LEU D 178 -1.75 29.30 -16.23
N LYS D 179 -1.86 29.50 -17.53
CA LYS D 179 -2.82 28.74 -18.33
C LYS D 179 -2.48 27.26 -18.28
N HIS D 180 -1.17 26.95 -18.27
CA HIS D 180 -0.73 25.58 -18.15
C HIS D 180 -1.05 25.05 -16.76
N ALA D 181 -0.68 25.83 -15.74
CA ALA D 181 -0.91 25.46 -14.35
C ALA D 181 -2.37 25.08 -14.11
N LEU D 182 -3.29 25.89 -14.65
CA LEU D 182 -4.73 25.62 -14.51
C LEU D 182 -5.15 24.30 -15.13
N GLU D 183 -4.69 24.03 -16.34
CA GLU D 183 -4.97 22.76 -16.99
C GLU D 183 -4.51 21.60 -16.12
N LYS D 184 -3.28 21.68 -15.61
CA LYS D 184 -2.73 20.58 -14.82
C LYS D 184 -3.41 20.41 -13.46
N ALA D 185 -3.74 21.52 -12.80
CA ALA D 185 -4.46 21.45 -11.51
C ALA D 185 -5.86 20.85 -11.65
N GLU D 186 -6.51 21.13 -12.77
CA GLU D 186 -7.81 20.52 -13.07
C GLU D 186 -7.65 19.05 -13.43
N GLU D 187 -6.60 18.72 -14.18
CA GLU D 187 -6.27 17.32 -14.47
C GLU D 187 -6.06 16.53 -13.18
N LEU D 188 -5.27 17.09 -12.26
CA LEU D 188 -4.95 16.41 -11.02
C LEU D 188 -6.24 16.09 -10.28
N CYS D 189 -7.14 17.08 -10.17
CA CYS D 189 -8.39 16.91 -9.43
C CYS D 189 -9.23 15.81 -10.05
N SER D 190 -9.33 15.82 -11.37
CA SER D 190 -10.16 14.84 -12.04
C SER D 190 -9.61 13.43 -11.81
N GLN D 191 -8.29 13.32 -11.86
CA GLN D 191 -7.66 12.03 -11.60
C GLN D 191 -7.98 11.60 -10.17
N VAL D 192 -7.83 12.52 -9.21
CA VAL D 192 -8.21 12.25 -7.83
C VAL D 192 -9.66 11.76 -7.74
N ASN D 193 -10.58 12.55 -8.27
CA ASN D 193 -11.97 12.17 -8.35
C ASN D 193 -12.15 10.77 -8.98
N GLU D 194 -11.44 10.51 -10.08
CA GLU D 194 -11.53 9.21 -10.74
C GLU D 194 -11.00 8.10 -9.86
N GLY D 195 -9.83 8.35 -9.26
CA GLY D 195 -9.21 7.38 -8.37
C GLY D 195 -10.11 6.98 -7.22
N VAL D 196 -10.89 7.94 -6.72
CA VAL D 196 -11.81 7.66 -5.64
C VAL D 196 -12.89 6.71 -6.13
N ARG D 197 -13.34 6.93 -7.36
CA ARG D 197 -14.38 6.09 -7.93
C ARG D 197 -13.89 4.66 -8.21
N GLU D 198 -12.68 4.56 -8.77
CA GLU D 198 -12.10 3.26 -9.09
C GLU D 198 -11.97 2.42 -7.84
N LYS D 199 -11.49 3.04 -6.77
CA LYS D 199 -11.30 2.33 -5.50
C LYS D 199 -12.66 1.97 -4.90
N GLU D 200 -13.61 2.89 -4.98
CA GLU D 200 -14.98 2.63 -4.54
C GLU D 200 -15.52 1.41 -5.28
N ASN D 201 -15.12 1.29 -6.54
CA ASN D 201 -15.57 0.19 -7.39
C ASN D 201 -14.87 -1.12 -7.03
N SER D 202 -13.57 -1.04 -6.79
CA SER D 202 -12.76 -2.21 -6.45
C SER D 202 -13.24 -2.86 -5.15
N ASP D 203 -13.46 -2.04 -4.12
CA ASP D 203 -13.97 -2.52 -2.84
C ASP D 203 -15.38 -3.11 -2.96
N ARG D 204 -16.16 -2.57 -3.89
CA ARG D 204 -17.52 -3.04 -4.13
C ARG D 204 -17.49 -4.47 -4.71
N LEU D 205 -16.60 -4.68 -5.68
CA LEU D 205 -16.47 -5.97 -6.36
C LEU D 205 -15.80 -7.03 -5.48
N GLU D 206 -14.98 -6.59 -4.53
CA GLU D 206 -14.32 -7.50 -3.61
C GLU D 206 -15.28 -7.89 -2.48
N TRP D 207 -16.27 -7.04 -2.25
CA TRP D 207 -17.30 -7.29 -1.24
C TRP D 207 -18.31 -8.29 -1.78
N ILE D 208 -18.57 -8.20 -3.09
CA ILE D 208 -19.46 -9.11 -3.77
C ILE D 208 -18.81 -10.49 -3.91
N GLN D 209 -17.49 -10.49 -4.08
CA GLN D 209 -16.72 -11.72 -4.26
C GLN D 209 -16.74 -12.60 -3.01
N ALA D 210 -17.18 -12.04 -1.89
CA ALA D 210 -17.15 -12.76 -0.62
C ALA D 210 -18.55 -13.05 -0.06
N HIS D 211 -19.53 -12.26 -0.48
CA HIS D 211 -20.90 -12.42 0.00
C HIS D 211 -21.86 -12.96 -1.05
N VAL D 212 -21.32 -13.57 -2.10
CA VAL D 212 -22.16 -14.15 -3.14
C VAL D 212 -21.56 -15.45 -3.68
N GLN D 213 -22.22 -16.57 -3.40
CA GLN D 213 -21.76 -17.87 -3.86
C GLN D 213 -22.20 -18.14 -5.29
N CYS D 214 -21.25 -18.13 -6.22
CA CYS D 214 -21.54 -18.34 -7.63
C CYS D 214 -21.18 -19.77 -8.06
N GLU D 215 -21.67 -20.74 -7.30
CA GLU D 215 -21.37 -22.15 -7.57
C GLU D 215 -22.33 -22.76 -8.58
N VAL D 222 -15.05 -14.54 -10.90
CA VAL D 222 -14.06 -13.57 -10.42
C VAL D 222 -14.44 -12.14 -10.76
N PHE D 223 -15.11 -11.47 -9.83
CA PHE D 223 -15.71 -10.15 -10.06
C PHE D 223 -14.73 -9.01 -10.34
N ASN D 224 -13.70 -8.90 -9.52
CA ASN D 224 -12.76 -7.77 -9.65
C ASN D 224 -11.66 -8.02 -10.69
N SER D 225 -12.06 -8.23 -11.93
CA SER D 225 -11.10 -8.40 -13.01
C SER D 225 -11.67 -8.05 -14.38
N VAL D 226 -10.77 -7.92 -15.35
CA VAL D 226 -11.08 -7.47 -16.70
C VAL D 226 -12.22 -8.22 -17.39
N THR D 227 -13.28 -7.50 -17.73
CA THR D 227 -14.38 -8.04 -18.53
C THR D 227 -13.90 -8.44 -19.93
N ASN D 228 -14.74 -9.18 -20.66
CA ASN D 228 -14.37 -9.73 -21.96
C ASN D 228 -13.86 -8.72 -22.99
N CYS D 229 -14.57 -7.62 -23.16
CA CYS D 229 -14.16 -6.59 -24.12
C CYS D 229 -14.57 -5.19 -23.66
N LEU D 230 -14.94 -5.05 -22.40
CA LEU D 230 -15.38 -3.76 -21.88
C LEU D 230 -14.44 -3.23 -20.79
N GLY D 231 -13.18 -3.62 -20.86
CA GLY D 231 -12.20 -3.21 -19.85
C GLY D 231 -12.47 -3.86 -18.50
N PRO D 232 -11.89 -3.29 -17.42
CA PRO D 232 -12.15 -3.79 -16.07
C PRO D 232 -13.64 -3.74 -15.73
N ARG D 233 -14.10 -4.69 -14.93
CA ARG D 233 -15.51 -4.76 -14.57
C ARG D 233 -15.94 -3.58 -13.70
N LYS D 234 -17.17 -3.10 -13.94
CA LYS D 234 -17.69 -1.95 -13.24
C LYS D 234 -19.08 -2.25 -12.66
N PHE D 235 -19.18 -2.30 -11.34
CA PHE D 235 -20.48 -2.38 -10.68
C PHE D 235 -21.30 -1.13 -11.03
N LEU D 236 -22.55 -1.33 -11.43
CA LEU D 236 -23.39 -0.23 -11.89
C LEU D 236 -24.56 0.09 -10.95
N HIS D 237 -25.20 -0.95 -10.42
CA HIS D 237 -26.39 -0.77 -9.60
C HIS D 237 -26.77 -2.06 -8.87
N SER D 238 -27.52 -1.93 -7.78
CA SER D 238 -28.03 -3.09 -7.06
C SER D 238 -29.23 -2.71 -6.21
N GLY D 239 -30.31 -3.49 -6.35
CA GLY D 239 -31.52 -3.28 -5.59
C GLY D 239 -32.40 -4.51 -5.69
N LYS D 240 -33.07 -4.85 -4.59
CA LYS D 240 -33.91 -6.04 -4.53
C LYS D 240 -34.92 -6.09 -5.67
N LEU D 241 -35.02 -7.26 -6.31
CA LEU D 241 -35.93 -7.45 -7.42
C LEU D 241 -37.03 -8.46 -7.07
N LYS D 243 -38.90 -11.09 -9.30
CA LYS D 243 -39.50 -11.38 -10.60
C LYS D 243 -40.99 -11.62 -10.46
N TYR D 251 -32.85 -10.81 -5.80
CA TYR D 251 -31.92 -9.70 -5.76
C TYR D 251 -30.86 -9.83 -6.85
N GLY D 252 -30.83 -8.86 -7.77
CA GLY D 252 -29.82 -8.82 -8.81
C GLY D 252 -28.88 -7.63 -8.67
N PHE D 253 -27.73 -7.73 -9.31
CA PHE D 253 -26.75 -6.64 -9.33
C PHE D 253 -26.18 -6.47 -10.75
N LEU D 254 -26.37 -5.29 -11.32
CA LEU D 254 -25.95 -5.03 -12.70
C LEU D 254 -24.50 -4.55 -12.83
N PHE D 255 -23.69 -5.31 -13.55
CA PHE D 255 -22.33 -4.91 -13.85
C PHE D 255 -22.26 -4.33 -15.26
N ASN D 256 -21.08 -3.91 -15.68
CA ASN D 256 -20.93 -3.22 -16.96
C ASN D 256 -20.80 -4.17 -18.15
N ASP D 257 -20.61 -5.46 -17.87
CA ASP D 257 -20.62 -6.46 -18.92
C ASP D 257 -21.86 -7.36 -18.88
N PHE D 258 -22.52 -7.44 -17.73
CA PHE D 258 -23.71 -8.29 -17.60
C PHE D 258 -24.66 -7.97 -16.44
N LEU D 259 -25.76 -8.73 -16.38
CA LEU D 259 -26.68 -8.67 -15.26
C LEU D 259 -26.67 -10.01 -14.52
N LEU D 260 -26.46 -9.96 -13.21
CA LEU D 260 -26.41 -11.17 -12.40
C LEU D 260 -27.67 -11.20 -11.55
N LEU D 261 -28.34 -12.35 -11.53
CA LEU D 261 -29.58 -12.50 -10.75
C LEU D 261 -29.42 -13.50 -9.62
N THR D 262 -29.54 -13.02 -8.38
CA THR D 262 -29.24 -13.83 -7.20
C THR D 262 -30.42 -13.99 -6.23
N GLN D 263 -30.12 -14.56 -5.06
CA GLN D 263 -31.10 -14.73 -3.99
C GLN D 263 -30.39 -14.62 -2.64
N ILE D 264 -31.10 -14.12 -1.63
CA ILE D 264 -30.49 -13.82 -0.34
C ILE D 264 -30.69 -14.92 0.69
N THR D 265 -29.89 -15.98 0.61
CA THR D 265 -30.00 -17.13 1.51
C THR D 265 -29.60 -16.78 2.95
N LYS D 266 -30.59 -16.68 3.83
CA LYS D 266 -30.34 -16.38 5.23
C LYS D 266 -29.75 -17.59 5.96
N LYS D 275 -27.74 -3.98 4.51
CA LYS D 275 -26.39 -3.86 3.99
C LYS D 275 -26.37 -3.62 2.47
N VAL D 276 -26.13 -4.70 1.72
CA VAL D 276 -25.90 -4.67 0.27
C VAL D 276 -24.55 -4.05 -0.09
N PHE D 277 -23.91 -3.40 0.88
CA PHE D 277 -22.58 -2.84 0.72
C PHE D 277 -21.98 -2.52 2.07
N SER D 278 -22.29 -3.35 3.07
CA SER D 278 -21.81 -3.17 4.42
C SER D 278 -21.07 -4.42 4.90
N PRO D 279 -20.17 -4.28 5.88
CA PRO D 279 -19.49 -5.48 6.40
C PRO D 279 -20.41 -6.31 7.28
N LEU D 283 -24.66 -13.55 2.62
CA LEU D 283 -24.21 -14.31 1.46
C LEU D 283 -25.35 -14.57 0.46
N GLN D 284 -25.03 -14.63 -0.82
CA GLN D 284 -26.04 -14.81 -1.86
C GLN D 284 -25.69 -15.94 -2.84
N TYR D 285 -26.60 -16.19 -3.79
CA TYR D 285 -26.42 -17.24 -4.78
C TYR D 285 -27.35 -16.99 -5.98
N LYS D 286 -26.85 -17.27 -7.18
CA LYS D 286 -27.54 -16.85 -8.41
C LYS D 286 -28.53 -17.85 -9.02
N MET D 287 -29.37 -17.34 -9.92
CA MET D 287 -30.38 -18.16 -10.59
C MET D 287 -30.20 -18.12 -12.11
N ILE D 292 -25.42 -12.09 -19.43
CA ILE D 292 -24.49 -11.36 -20.29
C ILE D 292 -25.21 -10.34 -21.20
N PHE D 293 -24.77 -9.09 -21.13
CA PHE D 293 -25.41 -7.99 -21.84
C PHE D 293 -24.92 -7.81 -23.29
N LEU D 294 -23.91 -8.61 -23.66
CA LEU D 294 -23.29 -8.47 -24.97
C LEU D 294 -24.15 -9.12 -26.05
N VAL D 297 -31.43 -6.93 -24.80
CA VAL D 297 -32.44 -5.89 -24.97
C VAL D 297 -33.39 -5.81 -23.78
N LEU D 298 -33.70 -4.59 -23.34
CA LEU D 298 -34.59 -4.37 -22.21
C LEU D 298 -35.82 -3.55 -22.61
N VAL D 299 -36.98 -3.90 -22.05
CA VAL D 299 -38.22 -3.19 -22.34
C VAL D 299 -39.31 -3.47 -21.30
N ILE D 311 -40.95 -3.91 -15.20
CA ILE D 311 -40.54 -4.01 -16.60
C ILE D 311 -40.35 -5.47 -17.02
N PHE D 312 -39.80 -5.66 -18.22
CA PHE D 312 -39.58 -7.00 -18.76
C PHE D 312 -38.45 -7.04 -19.78
N HIS D 313 -37.56 -8.03 -19.63
CA HIS D 313 -36.40 -8.15 -20.50
C HIS D 313 -36.31 -9.54 -21.15
N TRP D 334 -34.88 1.62 -14.86
CA TRP D 334 -34.78 0.83 -16.09
C TRP D 334 -33.74 1.41 -17.04
N VAL D 335 -33.47 2.71 -16.89
CA VAL D 335 -32.50 3.39 -17.74
C VAL D 335 -31.09 2.83 -17.52
N GLN D 336 -30.79 2.43 -16.29
CA GLN D 336 -29.50 1.84 -15.97
C GLN D 336 -29.28 0.56 -16.76
N LYS D 337 -30.27 -0.33 -16.75
CA LYS D 337 -30.21 -1.57 -17.51
C LYS D 337 -30.21 -1.27 -19.00
N ILE D 338 -30.98 -0.26 -19.40
CA ILE D 338 -31.07 0.15 -20.80
C ILE D 338 -29.76 0.70 -21.31
N LYS D 339 -29.23 1.71 -20.60
CA LYS D 339 -27.99 2.37 -21.00
C LYS D 339 -26.82 1.40 -21.08
N ALA D 340 -26.77 0.46 -20.15
CA ALA D 340 -25.71 -0.54 -20.11
C ALA D 340 -25.78 -1.44 -21.34
N ALA D 341 -26.98 -1.87 -21.68
CA ALA D 341 -27.21 -2.73 -22.85
C ALA D 341 -26.68 -2.09 -24.12
N SER D 342 -27.22 -0.92 -24.46
CA SER D 342 -26.83 -0.20 -25.67
C SER D 342 -25.34 0.10 -25.70
N GLU D 343 -24.75 0.24 -24.51
CA GLU D 343 -23.32 0.53 -24.37
C GLU D 343 -22.47 -0.67 -24.73
N LEU D 344 -22.98 -1.87 -24.50
CA LEU D 344 -22.25 -3.09 -24.80
C LEU D 344 -22.32 -3.43 -26.28
N TYR D 345 -23.53 -3.38 -26.83
CA TYR D 345 -23.75 -3.66 -28.25
C TYR D 345 -22.92 -2.73 -29.13
N ILE D 346 -22.91 -1.45 -28.75
CA ILE D 346 -22.17 -0.44 -29.50
C ILE D 346 -20.66 -0.56 -29.31
N GLU D 347 -20.25 -1.20 -28.22
CA GLU D 347 -18.82 -1.33 -27.93
C GLU D 347 -18.16 -2.48 -28.68
N THR D 348 -18.91 -3.55 -28.90
CA THR D 348 -18.37 -4.73 -29.58
C THR D 348 -18.60 -4.66 -31.09
N GLU D 349 -19.23 -3.57 -31.53
CA GLU D 349 -19.47 -3.36 -32.95
C GLU D 349 -18.16 -3.18 -33.72
N LYS D 350 -17.10 -2.85 -32.99
CA LYS D 350 -15.79 -2.62 -33.60
C LYS D 350 -14.78 -3.73 -33.25
N LYS D 351 -15.29 -4.92 -32.95
CA LYS D 351 -14.42 -6.05 -32.62
C LYS D 351 -14.14 -6.94 -33.84
#